data_2W8D
#
_entry.id   2W8D
#
_cell.length_a   56.627
_cell.length_b   54.408
_cell.length_c   140.783
_cell.angle_alpha   90.00
_cell.angle_beta   90.97
_cell.angle_gamma   90.00
#
_symmetry.space_group_name_H-M   'P 1 21 1'
#
loop_
_entity.id
_entity.type
_entity.pdbx_description
1 polymer 'PROCESSED GLYCEROL PHOSPHATE LIPOTEICHOIC ACID SYNTHASE 2'
2 non-polymer 'MAGNESIUM ION'
3 non-polymer 'TETRAETHYLENE GLYCOL'
4 non-polymer DI(HYDROXYETHYL)ETHER
5 water water
#
_entity_poly.entity_id   1
_entity_poly.type   'polypeptide(L)'
_entity_poly.pdbx_seq_one_letter_code
;LADSSDVTEVENY(MSE)KANYDVPNNVYFGKAEGKNVIYVSLESLQSFIIDYKIDGKEVTPFLNKLAHDNETFYFDNFF
HQTGQGK(TPO)SDAEF(MSE)(MSE)ENSLYPLAQGSVFVNKAQNTLQSVPAILKSKNYTSATFHGNTQTFWNRNE
(MSE)YKAEGIDKFFDSAYYD(MSE)NEENTKNYG(MSE)KDKPFFKES(MSE)PLLESLPQPFYTKFITLSNHFPFG
(MSE)DEGDTDFPAGDFGDSVVDNYFQSAHYLDQSIEQFFNDLKKDGLYDKSIIV(MSE)YGDHYGISENHNKA(MSE)A
KVLGKDEITDYDNAQLQRVPLFIHAAGVKGEKVHKYAGDVDVAPTILHLLGVDTKDYL(MSE)SGSDILSKEHREVIPFR
NGDFISPKYTKISGKYYDTKTGKELDESEVDKSEDSLVKKELE(MSE)SDKIINGDLLRFYEPKGFKKVNPSDYDYTKHD
EDSSETSKDNEDK
;
_entity_poly.pdbx_strand_id   A,B
#
loop_
_chem_comp.id
_chem_comp.type
_chem_comp.name
_chem_comp.formula
MG non-polymer 'MAGNESIUM ION' 'Mg 2'
PEG non-polymer DI(HYDROXYETHYL)ETHER 'C4 H10 O3'
PG4 non-polymer 'TETRAETHYLENE GLYCOL' 'C8 H18 O5'
#
# COMPACT_ATOMS: atom_id res chain seq x y z
N ASP A 3 -25.01 -20.50 12.46
CA ASP A 3 -25.36 -21.44 13.56
C ASP A 3 -24.68 -22.82 13.41
N SER A 4 -24.98 -23.74 14.32
CA SER A 4 -24.33 -25.06 14.42
C SER A 4 -24.41 -25.94 13.16
N SER A 5 -25.53 -25.86 12.44
CA SER A 5 -25.76 -26.67 11.24
C SER A 5 -24.93 -26.29 10.01
N ASP A 6 -24.33 -25.10 10.00
CA ASP A 6 -23.53 -24.67 8.84
C ASP A 6 -22.12 -25.26 8.87
N VAL A 7 -21.72 -25.73 10.05
CA VAL A 7 -20.44 -26.40 10.25
C VAL A 7 -20.40 -27.71 9.51
N THR A 8 -21.57 -28.37 9.44
CA THR A 8 -21.69 -29.72 8.89
C THR A 8 -21.10 -29.83 7.47
N GLU A 9 -21.55 -28.94 6.59
CA GLU A 9 -21.13 -28.95 5.19
C GLU A 9 -19.62 -28.74 5.06
N VAL A 10 -19.09 -27.81 5.85
CA VAL A 10 -17.65 -27.53 5.84
C VAL A 10 -16.84 -28.70 6.41
N GLU A 11 -17.36 -29.32 7.47
CA GLU A 11 -16.67 -30.46 8.07
C GLU A 11 -16.61 -31.66 7.14
N ASN A 12 -17.70 -31.91 6.41
CA ASN A 12 -17.77 -33.04 5.47
C ASN A 12 -16.81 -32.91 4.29
N TYR A 13 -16.58 -31.68 3.87
CA TYR A 13 -15.64 -31.39 2.80
C TYR A 13 -14.19 -31.46 3.30
N MSE A 14 -13.90 -30.90 4.48
CA MSE A 14 -12.54 -30.98 5.05
C MSE A 14 -12.07 -32.44 5.22
O MSE A 14 -10.92 -32.76 4.91
CB MSE A 14 -12.38 -30.23 6.37
CG MSE A 14 -12.69 -28.70 6.38
SE MSE A 14 -11.84 -27.53 5.00
CE MSE A 14 -11.95 -25.79 5.90
N LYS A 15 -12.97 -33.30 5.69
CA LYS A 15 -12.69 -34.74 5.80
C LYS A 15 -12.66 -35.48 4.45
N ALA A 16 -13.43 -34.98 3.49
CA ALA A 16 -13.48 -35.60 2.16
C ALA A 16 -12.27 -35.25 1.30
N ASN A 17 -11.38 -34.42 1.82
CA ASN A 17 -10.21 -33.98 1.05
C ASN A 17 -8.91 -34.14 1.80
N TYR A 18 -9.00 -34.41 3.09
CA TYR A 18 -7.82 -34.52 3.92
C TYR A 18 -6.79 -35.37 3.21
N ASP A 19 -5.57 -34.87 3.22
CA ASP A 19 -4.45 -35.57 2.62
C ASP A 19 -3.60 -36.14 3.77
N VAL A 20 -3.61 -37.47 3.91
CA VAL A 20 -2.98 -38.17 5.05
C VAL A 20 -1.44 -38.02 5.08
N PRO A 21 -0.82 -38.18 6.27
CA PRO A 21 0.63 -37.97 6.44
C PRO A 21 1.54 -39.06 5.86
N ASN A 22 2.69 -38.62 5.33
CA ASN A 22 3.81 -39.44 4.89
C ASN A 22 4.52 -40.04 6.14
N ASN A 23 4.48 -41.38 6.32
CA ASN A 23 5.16 -41.95 7.51
C ASN A 23 6.70 -41.88 7.47
N VAL A 24 7.27 -41.57 6.31
CA VAL A 24 8.68 -41.22 6.26
C VAL A 24 8.95 -39.99 7.13
N TYR A 25 7.94 -39.14 7.27
CA TYR A 25 8.11 -37.85 7.97
C TYR A 25 7.27 -37.65 9.22
N PHE A 26 6.15 -38.37 9.34
CA PHE A 26 5.18 -38.08 10.38
C PHE A 26 5.71 -38.42 11.76
N GLY A 27 5.82 -37.41 12.62
CA GLY A 27 6.22 -37.65 14.00
C GLY A 27 7.73 -37.65 14.18
N LYS A 28 8.46 -37.50 13.07
CA LYS A 28 9.93 -37.58 13.09
C LYS A 28 10.61 -36.40 13.78
N ALA A 29 9.84 -35.38 14.09
CA ALA A 29 10.35 -34.22 14.81
C ALA A 29 9.53 -33.99 16.08
N GLU A 30 8.85 -35.05 16.50
CA GLU A 30 8.11 -35.02 17.74
C GLU A 30 8.96 -34.56 18.92
N GLY A 31 8.42 -33.60 19.68
CA GLY A 31 9.03 -33.09 20.90
C GLY A 31 9.81 -31.78 20.73
N LYS A 32 10.10 -31.44 19.48
CA LYS A 32 10.93 -30.29 19.17
C LYS A 32 10.26 -28.93 19.28
N ASN A 33 11.07 -27.93 19.58
CA ASN A 33 10.65 -26.57 19.51
C ASN A 33 10.31 -26.21 18.04
N VAL A 34 9.54 -25.15 17.87
CA VAL A 34 9.29 -24.61 16.56
C VAL A 34 9.73 -23.14 16.66
N ILE A 35 10.47 -22.69 15.64
CA ILE A 35 10.86 -21.30 15.50
C ILE A 35 10.44 -20.85 14.08
N TYR A 36 9.44 -19.99 13.99
CA TYR A 36 9.07 -19.46 12.69
C TYR A 36 9.83 -18.17 12.50
N VAL A 37 10.26 -17.91 11.28
CA VAL A 37 10.81 -16.61 10.87
C VAL A 37 10.11 -16.09 9.63
N SER A 38 9.48 -14.94 9.75
CA SER A 38 8.87 -14.26 8.63
C SER A 38 9.89 -13.33 8.00
N LEU A 39 10.29 -13.66 6.76
CA LEU A 39 11.30 -12.94 5.97
C LEU A 39 10.63 -11.87 5.14
N GLU A 40 10.64 -10.64 5.65
CA GLU A 40 9.87 -9.54 5.09
C GLU A 40 10.12 -9.31 3.59
N SER A 41 9.02 -9.31 2.81
CA SER A 41 9.02 -8.88 1.41
C SER A 41 10.01 -9.64 0.52
N LEU A 42 10.43 -10.83 0.97
CA LEU A 42 11.43 -11.62 0.25
C LEU A 42 10.82 -12.60 -0.77
N GLN A 43 11.17 -12.43 -2.03
CA GLN A 43 10.60 -13.27 -3.14
C GLN A 43 11.63 -14.31 -3.56
N SER A 44 11.16 -15.43 -4.09
CA SER A 44 12.01 -16.53 -4.48
C SER A 44 13.00 -16.19 -5.60
N PHE A 45 12.71 -15.21 -6.45
CA PHE A 45 13.67 -14.88 -7.51
C PHE A 45 15.05 -14.47 -6.98
N ILE A 46 15.07 -13.93 -5.76
CA ILE A 46 16.29 -13.55 -5.07
C ILE A 46 17.24 -14.71 -4.76
N ILE A 47 16.68 -15.91 -4.57
CA ILE A 47 17.45 -17.10 -4.28
C ILE A 47 18.31 -17.43 -5.50
N ASP A 48 19.62 -17.47 -5.27
CA ASP A 48 20.64 -17.72 -6.30
C ASP A 48 20.91 -16.58 -7.22
N TYR A 49 20.24 -15.45 -6.99
CA TYR A 49 20.49 -14.26 -7.79
C TYR A 49 21.84 -13.66 -7.44
N LYS A 50 22.51 -13.10 -8.43
CA LYS A 50 23.79 -12.42 -8.22
C LYS A 50 23.79 -11.07 -8.89
N ILE A 51 24.53 -10.16 -8.26
CA ILE A 51 24.83 -8.81 -8.74
C ILE A 51 26.36 -8.73 -8.78
N ASP A 52 26.93 -8.39 -9.95
CA ASP A 52 28.40 -8.34 -10.17
C ASP A 52 29.16 -9.59 -9.72
N GLY A 53 28.55 -10.76 -9.93
CA GLY A 53 29.13 -12.00 -9.46
C GLY A 53 29.04 -12.27 -7.96
N LYS A 54 28.47 -11.33 -7.18
CA LYS A 54 28.26 -11.49 -5.74
C LYS A 54 26.83 -11.91 -5.45
N GLU A 55 26.68 -12.97 -4.64
CA GLU A 55 25.36 -13.46 -4.29
C GLU A 55 24.66 -12.49 -3.37
N VAL A 56 23.34 -12.37 -3.55
CA VAL A 56 22.54 -11.45 -2.80
C VAL A 56 22.19 -12.11 -1.48
N THR A 57 21.75 -13.36 -1.52
CA THR A 57 21.41 -14.06 -0.26
C THR A 57 22.26 -15.33 0.03
N PRO A 58 23.60 -15.16 0.22
CA PRO A 58 24.47 -16.35 0.31
C PRO A 58 24.12 -17.37 1.43
N PHE A 59 23.62 -16.91 2.58
CA PHE A 59 23.22 -17.89 3.59
C PHE A 59 22.02 -18.73 3.17
N LEU A 60 21.01 -18.04 2.65
CA LEU A 60 19.75 -18.67 2.25
C LEU A 60 20.04 -19.62 1.10
N ASN A 61 20.91 -19.19 0.18
CA ASN A 61 21.40 -20.07 -0.90
C ASN A 61 22.03 -21.37 -0.39
N LYS A 62 22.86 -21.28 0.64
CA LYS A 62 23.49 -22.50 1.17
C LYS A 62 22.40 -23.45 1.68
N LEU A 63 21.43 -22.93 2.40
CA LEU A 63 20.31 -23.74 2.87
C LEU A 63 19.53 -24.38 1.73
N ALA A 64 19.31 -23.57 0.69
CA ALA A 64 18.66 -24.01 -0.51
C ALA A 64 19.44 -25.14 -1.17
N HIS A 65 20.76 -25.18 -1.00
CA HIS A 65 21.57 -26.17 -1.68
C HIS A 65 22.13 -27.29 -0.83
N ASP A 66 21.85 -27.23 0.48
CA ASP A 66 22.45 -28.20 1.41
C ASP A 66 21.79 -29.57 1.35
N ASN A 67 22.34 -30.53 2.09
CA ASN A 67 21.85 -31.88 2.10
C ASN A 67 20.81 -32.16 3.20
N GLU A 68 20.38 -31.13 3.93
CA GLU A 68 19.56 -31.34 5.13
C GLU A 68 18.31 -30.47 5.26
N THR A 69 18.30 -29.31 4.62
CA THR A 69 17.19 -28.38 4.76
C THR A 69 16.17 -28.59 3.64
N PHE A 70 14.90 -28.67 4.01
CA PHE A 70 13.81 -28.71 3.04
C PHE A 70 13.73 -27.33 2.47
N TYR A 71 13.80 -27.23 1.15
CA TYR A 71 13.55 -25.98 0.47
C TYR A 71 12.47 -26.23 -0.60
N PHE A 72 11.49 -25.32 -0.67
CA PHE A 72 10.36 -25.41 -1.58
C PHE A 72 10.42 -24.22 -2.54
N ASP A 73 10.67 -24.50 -3.83
CA ASP A 73 10.86 -23.48 -4.86
C ASP A 73 9.59 -23.15 -5.70
N ASN A 74 8.52 -23.88 -5.42
CA ASN A 74 7.22 -23.56 -5.98
C ASN A 74 6.16 -23.29 -4.89
N PHE A 75 6.52 -22.45 -3.93
CA PHE A 75 5.67 -22.12 -2.81
C PHE A 75 5.22 -20.66 -2.98
N PHE A 76 3.95 -20.41 -2.83
CA PHE A 76 3.36 -19.12 -3.15
C PHE A 76 2.75 -18.45 -1.92
N HIS A 77 2.94 -17.14 -1.79
CA HIS A 77 2.14 -16.40 -0.79
C HIS A 77 0.67 -16.33 -1.23
N GLN A 78 -0.26 -16.30 -0.28
CA GLN A 78 -1.67 -16.25 -0.64
C GLN A 78 -2.35 -15.05 0.02
N THR A 79 -1.56 -14.00 0.31
CA THR A 79 -2.03 -12.85 1.04
C THR A 79 -2.85 -11.90 0.22
N GLY A 80 -3.63 -11.08 0.93
CA GLY A 80 -4.40 -9.97 0.33
C GLY A 80 -3.97 -8.67 1.02
N GLN A 81 -4.92 -7.84 1.37
CA GLN A 81 -4.54 -6.54 1.94
C GLN A 81 -3.94 -6.50 3.35
N GLY A 82 -4.01 -7.59 4.10
CA GLY A 82 -3.41 -7.63 5.43
C GLY A 82 -1.95 -8.03 5.37
N LYS A 83 -1.42 -8.23 4.17
CA LYS A 83 0.05 -8.41 3.90
C LYS A 83 0.79 -9.27 4.95
N TPO A 84 1.66 -8.69 5.77
CA TPO A 84 2.42 -9.48 6.77
CB TPO A 84 3.32 -8.57 7.62
CG2 TPO A 84 4.33 -9.28 8.52
OG1 TPO A 84 4.07 -7.76 6.75
P TPO A 84 3.81 -6.17 6.54
O1P TPO A 84 4.78 -5.91 5.44
O2P TPO A 84 2.35 -6.05 6.15
O3P TPO A 84 4.17 -5.46 7.83
C TPO A 84 1.52 -10.28 7.69
O TPO A 84 1.71 -11.47 7.94
N SER A 85 0.50 -9.63 8.22
CA SER A 85 -0.41 -10.31 9.13
C SER A 85 -1.34 -11.36 8.47
N ASP A 86 -1.73 -11.17 7.20
CA ASP A 86 -2.38 -12.21 6.40
C ASP A 86 -1.54 -13.46 6.36
N ALA A 87 -0.23 -13.36 6.07
CA ALA A 87 0.61 -14.57 6.12
C ALA A 87 0.69 -15.17 7.55
N GLU A 88 0.80 -14.34 8.58
CA GLU A 88 0.79 -14.90 9.98
C GLU A 88 -0.52 -15.63 10.27
N PHE A 89 -1.63 -15.06 9.81
CA PHE A 89 -2.92 -15.70 10.04
C PHE A 89 -3.02 -17.10 9.46
N MSE A 90 -2.48 -17.26 8.26
CA MSE A 90 -2.44 -18.54 7.57
C MSE A 90 -1.49 -19.55 8.24
O MSE A 90 -1.84 -20.73 8.28
CB MSE A 90 -2.13 -18.33 6.10
CG MSE A 90 -3.33 -17.75 5.39
SE MSE A 90 -3.04 -17.54 3.45
CE MSE A 90 -2.11 -15.85 3.50
N MSE A 91 -0.34 -19.09 8.74
CA MSE A 91 0.62 -19.97 9.45
C MSE A 91 -0.05 -20.54 10.68
O MSE A 91 0.13 -21.70 10.97
CB MSE A 91 1.89 -19.24 9.93
CG MSE A 91 2.72 -18.60 8.84
SE MSE A 91 3.35 -19.89 7.50
CE MSE A 91 2.87 -18.92 5.87
N GLU A 92 -0.81 -19.72 11.41
CA GLU A 92 -1.44 -20.19 12.67
C GLU A 92 -2.76 -20.89 12.45
N ASN A 93 -3.44 -20.69 11.32
CA ASN A 93 -4.82 -21.20 11.21
C ASN A 93 -5.15 -22.11 10.05
N SER A 94 -4.34 -22.08 9.00
CA SER A 94 -4.62 -22.79 7.75
C SER A 94 -6.01 -22.40 7.24
N LEU A 95 -6.27 -21.12 7.34
CA LEU A 95 -7.48 -20.50 6.82
C LEU A 95 -7.10 -19.23 6.07
N TYR A 96 -7.78 -18.98 4.96
CA TYR A 96 -7.52 -17.80 4.16
C TYR A 96 -7.92 -16.49 4.86
N PRO A 97 -7.15 -15.42 4.60
CA PRO A 97 -7.45 -14.08 5.09
C PRO A 97 -8.65 -13.52 4.33
N LEU A 98 -9.05 -12.29 4.64
CA LEU A 98 -10.22 -11.71 3.96
C LEU A 98 -9.89 -11.31 2.52
N ALA A 99 -10.87 -11.36 1.64
CA ALA A 99 -10.74 -10.91 0.28
C ALA A 99 -10.44 -9.41 0.16
N GLN A 100 -11.01 -8.59 1.07
CA GLN A 100 -10.73 -7.15 1.23
C GLN A 100 -10.51 -6.80 2.73
N GLY A 101 -9.62 -5.85 3.03
CA GLY A 101 -9.33 -5.50 4.38
C GLY A 101 -8.50 -6.59 5.06
N SER A 102 -8.27 -6.40 6.35
CA SER A 102 -7.36 -7.20 7.09
C SER A 102 -8.12 -8.08 8.09
N VAL A 103 -7.85 -9.39 8.02
CA VAL A 103 -8.45 -10.33 8.96
C VAL A 103 -7.97 -10.08 10.41
N PHE A 104 -6.70 -9.72 10.60
CA PHE A 104 -6.19 -9.33 11.93
C PHE A 104 -6.96 -8.18 12.55
N VAL A 105 -7.24 -7.16 11.74
CA VAL A 105 -7.95 -6.00 12.23
C VAL A 105 -9.43 -6.32 12.49
N ASN A 106 -10.06 -7.12 11.63
CA ASN A 106 -11.53 -7.19 11.68
C ASN A 106 -12.13 -8.45 12.31
N LYS A 107 -11.33 -9.52 12.42
CA LYS A 107 -11.84 -10.81 12.87
C LYS A 107 -11.19 -11.30 14.13
N ALA A 108 -10.60 -10.38 14.90
CA ALA A 108 -9.85 -10.76 16.11
C ALA A 108 -10.73 -11.29 17.25
N GLN A 109 -12.04 -11.12 17.13
CA GLN A 109 -13.00 -11.69 18.06
C GLN A 109 -13.58 -13.04 17.57
N ASN A 110 -13.17 -13.48 16.38
CA ASN A 110 -13.55 -14.85 15.98
C ASN A 110 -13.06 -15.88 17.02
N THR A 111 -13.75 -17.02 17.15
CA THR A 111 -13.20 -18.15 17.89
C THR A 111 -12.23 -18.94 16.99
N LEU A 112 -11.00 -19.10 17.45
CA LEU A 112 -9.96 -19.75 16.66
C LEU A 112 -9.41 -21.01 17.31
N GLN A 113 -8.87 -21.90 16.49
CA GLN A 113 -8.26 -23.13 16.98
C GLN A 113 -6.88 -23.26 16.37
N SER A 114 -6.03 -22.31 16.74
CA SER A 114 -4.68 -22.19 16.18
C SER A 114 -3.69 -23.29 16.59
N VAL A 115 -2.62 -23.39 15.82
CA VAL A 115 -1.47 -24.22 16.14
C VAL A 115 -0.89 -23.93 17.54
N PRO A 116 -0.53 -22.67 17.85
CA PRO A 116 -0.06 -22.51 19.23
C PRO A 116 -1.05 -23.02 20.28
N ALA A 117 -2.35 -22.97 19.98
CA ALA A 117 -3.36 -23.44 20.93
C ALA A 117 -3.47 -24.98 20.92
N ILE A 118 -3.40 -25.58 19.73
CA ILE A 118 -3.37 -27.03 19.59
C ILE A 118 -2.21 -27.60 20.43
N LEU A 119 -1.04 -27.01 20.24
CA LEU A 119 0.16 -27.43 20.90
C LEU A 119 0.20 -27.29 22.43
N LYS A 120 -0.80 -26.61 23.04
CA LYS A 120 -0.83 -26.46 24.50
C LYS A 120 -0.96 -27.79 25.20
N SER A 121 -1.73 -28.69 24.61
CA SER A 121 -1.99 -30.01 25.16
C SER A 121 -0.73 -30.89 25.10
N LYS A 122 0.23 -30.46 24.29
CA LYS A 122 1.59 -31.00 24.31
C LYS A 122 2.58 -30.12 25.12
N ASN A 123 2.07 -29.16 25.89
CA ASN A 123 2.90 -28.30 26.80
C ASN A 123 3.81 -27.25 26.14
N TYR A 124 3.43 -26.78 24.96
CA TYR A 124 4.22 -25.74 24.29
C TYR A 124 3.91 -24.36 24.87
N THR A 125 4.96 -23.61 25.19
CA THR A 125 4.78 -22.21 25.48
C THR A 125 4.93 -21.49 24.13
N SER A 126 4.08 -20.52 23.84
CA SER A 126 4.17 -19.79 22.58
C SER A 126 4.50 -18.31 22.82
N ALA A 127 5.35 -17.75 21.95
CA ALA A 127 5.71 -16.33 22.02
C ALA A 127 6.00 -15.75 20.62
N THR A 128 5.61 -14.48 20.39
CA THR A 128 6.03 -13.77 19.19
C THR A 128 7.11 -12.77 19.55
N PHE A 129 8.09 -12.58 18.64
CA PHE A 129 9.10 -11.54 18.77
C PHE A 129 8.95 -10.57 17.64
N HIS A 130 9.03 -9.28 17.92
CA HIS A 130 8.88 -8.30 16.87
C HIS A 130 9.31 -6.95 17.40
N GLY A 131 10.10 -6.23 16.60
CA GLY A 131 10.72 -4.99 17.05
C GLY A 131 9.88 -3.75 16.78
N ASN A 132 8.57 -3.84 17.04
CA ASN A 132 7.65 -2.72 16.81
C ASN A 132 6.52 -2.84 17.83
N THR A 133 5.73 -1.79 18.01
CA THR A 133 4.68 -1.84 19.00
C THR A 133 3.67 -2.97 18.68
N GLN A 134 3.16 -3.57 19.76
CA GLN A 134 2.17 -4.64 19.70
C GLN A 134 0.82 -4.25 19.08
N THR A 135 0.52 -2.95 19.00
CA THR A 135 -0.76 -2.54 18.40
C THR A 135 -0.73 -2.59 16.88
N PHE A 136 0.48 -2.66 16.29
CA PHE A 136 0.61 -2.66 14.83
C PHE A 136 -0.11 -3.90 14.29
N TRP A 137 -0.85 -3.71 13.19
CA TRP A 137 -1.72 -4.76 12.64
C TRP A 137 -2.63 -5.39 13.69
N ASN A 138 -2.99 -4.68 14.75
CA ASN A 138 -3.88 -5.25 15.79
C ASN A 138 -3.38 -6.61 16.38
N ARG A 139 -2.07 -6.84 16.32
CA ARG A 139 -1.50 -8.11 16.81
C ARG A 139 -1.87 -8.39 18.27
N ASN A 140 -1.81 -7.40 19.14
CA ASN A 140 -2.12 -7.68 20.53
C ASN A 140 -3.53 -8.21 20.78
N GLU A 141 -4.49 -7.89 19.91
CA GLU A 141 -5.85 -8.45 20.07
C GLU A 141 -5.92 -9.86 19.45
N MSE A 142 -5.37 -10.03 18.24
CA MSE A 142 -5.49 -11.29 17.50
C MSE A 142 -4.69 -12.46 18.06
O MSE A 142 -5.11 -13.60 17.95
CB MSE A 142 -5.08 -11.07 16.02
CG MSE A 142 -4.98 -12.34 15.16
SE MSE A 142 -6.72 -13.30 15.04
CE MSE A 142 -7.62 -12.44 13.48
N TYR A 143 -3.51 -12.17 18.59
CA TYR A 143 -2.69 -13.19 19.20
C TYR A 143 -3.37 -13.78 20.41
N LYS A 144 -4.19 -12.99 21.08
CA LYS A 144 -4.87 -13.49 22.27
C LYS A 144 -5.89 -14.52 21.84
N ALA A 145 -6.56 -14.24 20.73
CA ALA A 145 -7.53 -15.17 20.18
C ALA A 145 -6.81 -16.46 19.74
N GLU A 146 -5.54 -16.31 19.35
CA GLU A 146 -4.77 -17.45 18.80
C GLU A 146 -4.08 -18.29 19.90
N GLY A 147 -4.21 -17.83 21.14
CA GLY A 147 -3.56 -18.42 22.28
C GLY A 147 -2.08 -18.18 22.44
N ILE A 148 -1.53 -17.15 21.83
CA ILE A 148 -0.10 -16.93 21.97
C ILE A 148 0.13 -16.48 23.43
N ASP A 149 0.99 -17.19 24.18
CA ASP A 149 1.19 -16.88 25.62
C ASP A 149 1.94 -15.58 25.82
N LYS A 150 2.89 -15.28 24.94
CA LYS A 150 3.76 -14.13 25.17
C LYS A 150 4.03 -13.29 23.92
N PHE A 151 4.06 -11.97 24.09
CA PHE A 151 4.34 -11.09 22.98
C PHE A 151 5.53 -10.19 23.32
N PHE A 152 6.72 -10.52 22.81
CA PHE A 152 7.88 -9.67 23.01
C PHE A 152 7.94 -8.58 21.97
N ASP A 153 7.22 -7.48 22.20
CA ASP A 153 7.23 -6.38 21.24
C ASP A 153 8.39 -5.40 21.51
N SER A 154 8.32 -4.23 20.87
CA SER A 154 9.34 -3.19 20.95
C SER A 154 9.65 -2.71 22.36
N ALA A 155 8.75 -2.94 23.32
CA ALA A 155 9.04 -2.56 24.71
C ALA A 155 10.25 -3.33 25.27
N TYR A 156 10.58 -4.48 24.67
CA TYR A 156 11.64 -5.32 25.20
C TYR A 156 12.98 -5.15 24.49
N TYR A 157 13.03 -4.24 23.51
CA TYR A 157 14.26 -3.90 22.81
C TYR A 157 14.69 -2.46 23.09
N ASP A 158 16.00 -2.23 23.09
CA ASP A 158 16.61 -0.90 23.14
C ASP A 158 16.33 -0.14 21.83
N MSE A 159 15.41 0.83 21.87
CA MSE A 159 14.96 1.52 20.65
C MSE A 159 15.77 2.78 20.33
O MSE A 159 15.19 3.80 19.97
CB MSE A 159 13.45 1.85 20.72
CG MSE A 159 12.50 0.67 20.77
SE MSE A 159 12.25 -0.29 19.05
CE MSE A 159 11.31 1.08 17.98
N ASN A 160 17.09 2.72 20.45
CA ASN A 160 17.91 3.92 20.25
C ASN A 160 18.20 4.31 18.81
N GLU A 161 18.77 5.50 18.66
CA GLU A 161 19.38 6.03 17.42
C GLU A 161 19.68 4.98 16.36
N GLU A 162 20.71 4.17 16.63
CA GLU A 162 21.33 3.29 15.64
C GLU A 162 20.66 1.93 15.46
N ASN A 163 19.70 1.61 16.32
CA ASN A 163 18.98 0.33 16.25
C ASN A 163 17.65 0.41 15.47
N THR A 164 17.23 1.63 15.15
CA THR A 164 15.89 1.94 14.63
C THR A 164 15.94 2.45 13.21
N LYS A 165 15.07 1.93 12.35
CA LYS A 165 15.00 2.49 10.99
C LYS A 165 13.66 3.18 10.75
N ASN A 166 12.69 2.45 10.21
CA ASN A 166 11.40 3.05 9.89
C ASN A 166 10.26 2.48 10.75
N TYR A 167 9.98 1.19 10.59
CA TYR A 167 8.92 0.56 11.40
C TYR A 167 9.39 0.13 12.79
N GLY A 168 10.69 0.24 13.07
CA GLY A 168 11.23 -0.09 14.39
C GLY A 168 12.61 -0.69 14.33
N MSE A 169 12.80 -1.80 15.05
CA MSE A 169 14.14 -2.38 15.19
C MSE A 169 14.66 -2.91 13.84
O MSE A 169 13.92 -3.51 13.08
CB MSE A 169 14.15 -3.55 16.17
CG MSE A 169 13.90 -3.20 17.60
SE MSE A 169 15.31 -2.12 18.45
CE MSE A 169 16.76 -3.45 18.48
N LYS A 170 15.94 -2.68 13.59
CA LYS A 170 16.66 -3.38 12.54
C LYS A 170 16.85 -4.86 12.92
N ASP A 171 16.81 -5.74 11.92
CA ASP A 171 16.95 -7.18 12.14
C ASP A 171 18.21 -7.65 12.92
N LYS A 172 19.41 -7.16 12.58
CA LYS A 172 20.63 -7.57 13.31
C LYS A 172 20.58 -7.41 14.83
N PRO A 173 20.30 -6.19 15.35
CA PRO A 173 20.13 -6.07 16.82
C PRO A 173 18.83 -6.71 17.35
N PHE A 174 17.78 -6.77 16.52
CA PHE A 174 16.56 -7.43 16.94
C PHE A 174 16.87 -8.90 17.24
N PHE A 175 17.57 -9.58 16.35
CA PHE A 175 17.97 -10.97 16.61
C PHE A 175 18.94 -11.18 17.79
N LYS A 176 19.89 -10.28 18.00
CA LYS A 176 20.80 -10.39 19.13
C LYS A 176 20.05 -10.36 20.46
N GLU A 177 19.26 -9.30 20.62
CA GLU A 177 18.46 -9.02 21.81
C GLU A 177 17.38 -10.07 22.12
N SER A 178 16.88 -10.73 21.08
CA SER A 178 15.92 -11.81 21.25
C SER A 178 16.49 -13.09 21.89
N MSE A 179 17.81 -13.30 21.80
CA MSE A 179 18.43 -14.51 22.36
C MSE A 179 18.11 -14.80 23.83
O MSE A 179 17.48 -15.82 24.11
CB MSE A 179 19.94 -14.60 22.08
CG MSE A 179 20.31 -14.61 20.58
SE MSE A 179 19.09 -15.60 19.33
CE MSE A 179 19.53 -17.44 19.83
N PRO A 180 18.48 -13.89 24.77
CA PRO A 180 18.15 -14.20 26.18
C PRO A 180 16.66 -14.32 26.43
N LEU A 181 15.86 -13.61 25.66
CA LEU A 181 14.44 -13.72 25.82
C LEU A 181 14.02 -15.14 25.39
N LEU A 182 14.56 -15.60 24.27
CA LEU A 182 14.20 -16.91 23.76
C LEU A 182 14.68 -18.05 24.64
N GLU A 183 15.87 -17.89 25.22
CA GLU A 183 16.49 -18.89 26.07
C GLU A 183 15.83 -18.94 27.47
N SER A 184 14.99 -17.97 27.79
CA SER A 184 14.26 -17.98 29.06
C SER A 184 12.93 -18.75 28.93
N LEU A 185 12.59 -19.20 27.73
CA LEU A 185 11.30 -19.83 27.50
C LEU A 185 11.29 -21.28 27.98
N PRO A 186 10.29 -21.65 28.79
CA PRO A 186 10.23 -23.06 29.18
C PRO A 186 9.98 -23.90 27.91
N GLN A 187 10.64 -25.04 27.83
CA GLN A 187 10.64 -25.88 26.65
C GLN A 187 9.66 -27.04 26.81
N PRO A 188 8.97 -27.46 25.72
CA PRO A 188 9.09 -27.01 24.33
C PRO A 188 8.41 -25.68 24.08
N PHE A 189 8.92 -24.92 23.11
CA PHE A 189 8.31 -23.64 22.78
C PHE A 189 8.01 -23.51 21.32
N TYR A 190 7.00 -22.70 21.00
CA TYR A 190 6.59 -22.39 19.64
C TYR A 190 6.64 -20.88 19.48
N THR A 191 7.48 -20.38 18.57
CA THR A 191 7.86 -18.97 18.52
C THR A 191 7.86 -18.40 17.12
N LYS A 192 7.57 -17.09 17.03
CA LYS A 192 7.50 -16.39 15.76
C LYS A 192 8.41 -15.18 15.79
N PHE A 193 9.32 -15.09 14.82
CA PHE A 193 10.15 -13.90 14.65
C PHE A 193 9.74 -13.11 13.41
N ILE A 194 9.21 -11.91 13.62
CA ILE A 194 8.75 -11.09 12.49
C ILE A 194 9.77 -10.02 12.17
N THR A 195 10.52 -10.21 11.08
CA THR A 195 11.56 -9.27 10.68
C THR A 195 10.91 -8.01 10.14
N LEU A 196 11.68 -6.94 10.04
CA LEU A 196 11.22 -5.59 9.68
C LEU A 196 12.02 -4.88 8.58
N SER A 197 13.32 -5.19 8.49
CA SER A 197 14.28 -4.38 7.76
C SER A 197 14.06 -4.36 6.24
N ASN A 198 13.61 -5.47 5.65
CA ASN A 198 13.43 -5.50 4.19
C ASN A 198 12.05 -4.95 3.76
N HIS A 199 11.72 -3.74 4.24
CA HIS A 199 10.43 -3.08 3.97
C HIS A 199 10.59 -2.06 2.88
N PHE A 200 9.60 -2.01 1.96
CA PHE A 200 9.50 -0.95 0.95
C PHE A 200 9.72 0.44 1.59
N PRO A 201 10.43 1.37 0.93
CA PRO A 201 11.14 1.37 -0.36
C PRO A 201 12.55 0.75 -0.33
N PHE A 202 12.91 0.03 0.74
CA PHE A 202 14.14 -0.82 0.75
C PHE A 202 15.49 -0.07 0.90
N GLY A 203 15.46 1.21 1.23
CA GLY A 203 16.74 1.87 1.57
C GLY A 203 17.41 1.13 2.74
N MSE A 204 18.73 1.10 2.77
CA MSE A 204 19.40 0.72 4.03
C MSE A 204 20.42 1.80 4.28
O MSE A 204 20.90 2.41 3.34
CB MSE A 204 20.02 -0.69 3.97
CG MSE A 204 19.94 -1.50 5.29
SE MSE A 204 18.20 -2.42 5.76
CE MSE A 204 18.18 -2.02 7.69
N ASP A 205 20.74 2.08 5.55
CA ASP A 205 21.74 3.10 5.89
C ASP A 205 23.16 2.57 5.65
N GLU A 206 24.02 3.39 5.05
CA GLU A 206 25.48 3.15 5.14
C GLU A 206 25.89 3.43 6.56
N GLY A 207 26.74 2.59 7.14
CA GLY A 207 27.21 1.38 6.50
C GLY A 207 26.70 0.23 7.33
N ASP A 208 25.42 -0.08 7.18
CA ASP A 208 24.86 -1.28 7.78
C ASP A 208 25.01 -2.52 6.91
N THR A 209 25.25 -2.31 5.62
CA THR A 209 25.68 -3.40 4.75
C THR A 209 26.60 -2.86 3.65
N ASP A 210 27.37 -3.75 3.04
CA ASP A 210 28.40 -3.35 2.07
C ASP A 210 28.02 -3.68 0.62
N PHE A 211 26.84 -4.25 0.43
CA PHE A 211 26.45 -4.75 -0.88
C PHE A 211 26.21 -3.64 -1.90
N PRO A 212 26.60 -3.86 -3.17
CA PRO A 212 26.22 -2.88 -4.19
C PRO A 212 24.71 -2.84 -4.48
N ALA A 213 24.23 -1.72 -5.00
CA ALA A 213 22.84 -1.65 -5.42
C ALA A 213 22.86 -2.12 -6.86
N GLY A 214 21.79 -2.78 -7.32
CA GLY A 214 21.71 -3.17 -8.72
C GLY A 214 21.61 -1.92 -9.57
N ASP A 215 21.68 -2.09 -10.89
CA ASP A 215 21.61 -0.95 -11.81
C ASP A 215 20.50 -1.23 -12.82
N PHE A 216 19.24 -1.06 -12.38
CA PHE A 216 18.08 -1.36 -13.23
C PHE A 216 17.15 -0.17 -13.57
N GLY A 217 17.57 1.05 -13.23
CA GLY A 217 16.81 2.25 -13.58
C GLY A 217 15.65 2.56 -12.66
N ASP A 218 15.71 2.10 -11.42
CA ASP A 218 14.62 2.24 -10.49
C ASP A 218 15.15 1.93 -9.10
N SER A 219 15.10 2.94 -8.23
CA SER A 219 15.80 2.91 -6.99
C SER A 219 15.11 2.05 -5.97
N VAL A 220 13.80 1.86 -6.10
CA VAL A 220 13.13 0.87 -5.25
C VAL A 220 13.71 -0.55 -5.48
N VAL A 221 13.79 -0.93 -6.75
CA VAL A 221 14.33 -2.22 -7.17
C VAL A 221 15.84 -2.30 -6.94
N ASP A 222 16.56 -1.24 -7.25
CA ASP A 222 18.00 -1.16 -6.96
C ASP A 222 18.33 -1.43 -5.49
N ASN A 223 17.51 -0.92 -4.57
CA ASN A 223 17.81 -0.98 -3.13
C ASN A 223 17.28 -2.25 -2.49
N TYR A 224 16.36 -2.90 -3.18
CA TYR A 224 15.86 -4.17 -2.74
C TYR A 224 17.03 -5.12 -2.41
N PHE A 225 18.01 -5.20 -3.30
CA PHE A 225 19.07 -6.19 -3.21
C PHE A 225 19.96 -5.97 -2.02
N GLN A 226 20.17 -4.69 -1.65
CA GLN A 226 20.91 -4.33 -0.45
C GLN A 226 20.22 -4.71 0.85
N SER A 227 18.93 -4.42 0.99
CA SER A 227 18.25 -4.81 2.23
C SER A 227 18.00 -6.31 2.29
N ALA A 228 17.86 -6.94 1.13
CA ALA A 228 17.77 -8.41 1.10
C ALA A 228 19.11 -9.03 1.63
N HIS A 229 20.23 -8.46 1.20
CA HIS A 229 21.55 -8.94 1.60
C HIS A 229 21.68 -8.76 3.11
N TYR A 230 21.23 -7.61 3.63
CA TYR A 230 21.21 -7.38 5.07
C TYR A 230 20.35 -8.43 5.85
N LEU A 231 19.15 -8.70 5.35
CA LEU A 231 18.26 -9.75 5.88
C LEU A 231 19.02 -11.09 5.95
N ASP A 232 19.71 -11.43 4.86
CA ASP A 232 20.45 -12.67 4.78
C ASP A 232 21.57 -12.79 5.85
N GLN A 233 22.32 -11.72 6.09
CA GLN A 233 23.29 -11.69 7.19
C GLN A 233 22.65 -11.87 8.56
N SER A 234 21.47 -11.29 8.76
CA SER A 234 20.72 -11.39 10.00
C SER A 234 20.30 -12.82 10.27
N ILE A 235 19.89 -13.56 9.25
CA ILE A 235 19.46 -14.94 9.43
C ILE A 235 20.68 -15.80 9.78
N GLU A 236 21.77 -15.58 9.05
CA GLU A 236 23.08 -16.19 9.36
C GLU A 236 23.47 -16.00 10.83
N GLN A 237 23.44 -14.76 11.33
CA GLN A 237 23.77 -14.50 12.74
C GLN A 237 22.79 -15.27 13.65
N PHE A 238 21.50 -15.13 13.42
CA PHE A 238 20.49 -15.89 14.18
C PHE A 238 20.79 -17.40 14.26
N PHE A 239 21.09 -18.00 13.10
CA PHE A 239 21.50 -19.42 13.04
C PHE A 239 22.78 -19.69 13.82
N ASN A 240 23.81 -18.86 13.69
CA ASN A 240 25.04 -19.07 14.48
C ASN A 240 24.71 -19.09 15.96
N ASP A 241 23.93 -18.11 16.41
CA ASP A 241 23.51 -18.05 17.83
C ASP A 241 22.61 -19.19 18.26
N LEU A 242 21.73 -19.67 17.39
CA LEU A 242 20.94 -20.86 17.73
C LEU A 242 21.79 -22.13 17.93
N LYS A 243 22.99 -22.12 17.35
CA LYS A 243 23.90 -23.24 17.43
C LYS A 243 24.81 -23.13 18.64
N LYS A 244 25.16 -21.91 19.05
CA LYS A 244 25.90 -21.74 20.33
C LYS A 244 25.03 -22.25 21.49
N ASP A 245 23.79 -21.78 21.58
CA ASP A 245 22.98 -22.10 22.77
C ASP A 245 22.33 -23.47 22.76
N GLY A 246 22.50 -24.24 21.67
CA GLY A 246 22.01 -25.61 21.62
C GLY A 246 20.55 -25.78 21.14
N LEU A 247 19.90 -24.69 20.77
CA LEU A 247 18.50 -24.78 20.36
C LEU A 247 18.32 -25.27 18.92
N TYR A 248 19.40 -25.26 18.13
CA TYR A 248 19.34 -25.61 16.70
C TYR A 248 18.98 -27.08 16.49
N ASP A 249 19.60 -27.95 17.27
CA ASP A 249 19.33 -29.39 17.27
C ASP A 249 18.02 -29.75 18.00
N LYS A 250 17.49 -28.80 18.75
CA LYS A 250 16.27 -29.06 19.50
C LYS A 250 15.07 -28.48 18.81
N SER A 251 15.20 -28.13 17.53
CA SER A 251 14.16 -27.31 16.92
C SER A 251 13.80 -27.59 15.47
N ILE A 252 12.61 -27.13 15.11
CA ILE A 252 12.21 -27.05 13.73
C ILE A 252 12.19 -25.57 13.43
N ILE A 253 13.08 -25.15 12.54
CA ILE A 253 13.10 -23.75 12.10
C ILE A 253 12.40 -23.72 10.77
N VAL A 254 11.41 -22.83 10.65
CA VAL A 254 10.58 -22.69 9.46
C VAL A 254 10.64 -21.23 9.06
N MSE A 255 11.11 -20.94 7.85
CA MSE A 255 11.24 -19.57 7.38
C MSE A 255 10.55 -19.35 6.07
O MSE A 255 10.68 -20.15 5.13
CB MSE A 255 12.69 -19.14 7.24
CG MSE A 255 13.45 -19.39 8.53
SE MSE A 255 15.22 -18.64 8.40
CE MSE A 255 15.98 -19.84 7.00
N TYR A 256 9.86 -18.22 5.99
CA TYR A 256 9.09 -17.92 4.78
C TYR A 256 9.10 -16.44 4.43
N GLY A 257 9.18 -16.16 3.12
CA GLY A 257 8.91 -14.80 2.67
C GLY A 257 7.43 -14.55 2.89
N ASP A 258 7.05 -13.38 3.38
CA ASP A 258 5.61 -13.15 3.71
C ASP A 258 4.72 -12.80 2.48
N HIS A 259 5.28 -12.07 1.50
CA HIS A 259 4.51 -11.70 0.30
C HIS A 259 5.47 -11.00 -0.61
N TYR A 260 5.01 -10.49 -1.77
CA TYR A 260 5.97 -9.84 -2.68
C TYR A 260 6.46 -8.55 -2.09
N GLY A 261 7.67 -8.16 -2.44
CA GLY A 261 8.14 -6.83 -2.10
C GLY A 261 8.04 -5.87 -3.29
N ILE A 262 8.16 -6.41 -4.50
CA ILE A 262 8.17 -5.58 -5.71
C ILE A 262 6.85 -5.74 -6.50
N SER A 263 6.01 -4.70 -6.48
CA SER A 263 4.76 -4.73 -7.24
C SER A 263 4.95 -4.49 -8.76
N GLU A 264 3.81 -4.49 -9.48
CA GLU A 264 3.76 -4.19 -10.92
C GLU A 264 4.06 -2.75 -11.32
N ASN A 265 4.10 -1.82 -10.35
CA ASN A 265 4.58 -0.45 -10.59
C ASN A 265 6.06 -0.38 -11.04
N HIS A 266 6.78 -1.47 -10.80
CA HIS A 266 8.22 -1.57 -11.13
C HIS A 266 8.50 -2.58 -12.22
N ASN A 267 7.52 -2.87 -13.05
CA ASN A 267 7.67 -3.83 -14.14
C ASN A 267 8.79 -3.49 -15.09
N LYS A 268 8.99 -2.20 -15.37
CA LYS A 268 10.04 -1.81 -16.30
C LYS A 268 11.40 -2.28 -15.79
N ALA A 269 11.67 -2.08 -14.50
CA ALA A 269 12.97 -2.47 -13.95
C ALA A 269 13.07 -3.99 -13.73
N MSE A 270 11.95 -4.60 -13.34
CA MSE A 270 11.93 -6.05 -13.08
C MSE A 270 12.18 -6.86 -14.33
O MSE A 270 12.72 -7.95 -14.23
CB MSE A 270 10.62 -6.49 -12.44
CG MSE A 270 10.57 -6.18 -11.00
SE MSE A 270 11.98 -7.17 -9.99
CE MSE A 270 11.32 -8.98 -10.25
N ALA A 271 11.79 -6.36 -15.51
CA ALA A 271 12.14 -7.02 -16.76
C ALA A 271 13.66 -7.03 -17.00
N LYS A 272 14.34 -5.95 -16.65
CA LYS A 272 15.82 -5.96 -16.66
C LYS A 272 16.39 -6.92 -15.64
N VAL A 273 15.81 -6.95 -14.45
CA VAL A 273 16.29 -7.86 -13.40
C VAL A 273 16.29 -9.28 -13.96
N LEU A 274 15.19 -9.64 -14.63
CA LEU A 274 15.00 -10.96 -15.20
C LEU A 274 15.63 -11.17 -16.59
N GLY A 275 16.21 -10.14 -17.19
CA GLY A 275 16.69 -10.28 -18.55
C GLY A 275 15.52 -10.63 -19.48
N LYS A 276 14.43 -9.88 -19.39
CA LYS A 276 13.26 -10.06 -20.27
C LYS A 276 12.90 -8.73 -20.93
N ASP A 277 12.21 -8.81 -22.06
CA ASP A 277 11.76 -7.59 -22.71
C ASP A 277 10.67 -6.87 -21.91
N GLU A 278 9.72 -7.63 -21.36
CA GLU A 278 8.67 -7.05 -20.56
C GLU A 278 8.24 -8.07 -19.52
N ILE A 279 7.60 -7.60 -18.47
CA ILE A 279 6.95 -8.44 -17.48
C ILE A 279 5.49 -8.54 -17.87
N THR A 280 5.03 -9.73 -18.28
CA THR A 280 3.59 -9.94 -18.54
C THR A 280 2.79 -10.30 -17.25
N ASP A 281 1.47 -10.44 -17.36
CA ASP A 281 0.62 -10.95 -16.25
C ASP A 281 1.09 -12.31 -15.79
N TYR A 282 1.39 -13.16 -16.76
CA TYR A 282 1.93 -14.49 -16.52
C TYR A 282 3.25 -14.40 -15.72
N ASP A 283 4.21 -13.55 -16.13
CA ASP A 283 5.51 -13.47 -15.45
C ASP A 283 5.31 -12.99 -14.02
N ASN A 284 4.50 -11.94 -13.84
CA ASN A 284 4.12 -11.51 -12.52
C ASN A 284 3.52 -12.58 -11.60
N ALA A 285 2.72 -13.50 -12.15
CA ALA A 285 2.19 -14.60 -11.37
C ALA A 285 3.34 -15.52 -10.88
N GLN A 286 4.29 -15.75 -11.78
CA GLN A 286 5.47 -16.54 -11.45
C GLN A 286 6.30 -15.88 -10.36
N LEU A 287 6.27 -14.55 -10.30
CA LEU A 287 7.06 -13.81 -9.31
C LEU A 287 6.45 -13.80 -7.89
N GLN A 288 5.29 -14.44 -7.73
CA GLN A 288 4.64 -14.55 -6.42
C GLN A 288 5.19 -15.75 -5.65
N ARG A 289 6.14 -16.50 -6.24
CA ARG A 289 6.88 -17.48 -5.44
C ARG A 289 7.62 -16.73 -4.30
N VAL A 290 7.41 -17.20 -3.08
CA VAL A 290 8.24 -16.83 -1.93
C VAL A 290 8.95 -18.07 -1.35
N PRO A 291 10.18 -17.88 -0.84
CA PRO A 291 10.90 -19.05 -0.35
C PRO A 291 10.30 -19.59 0.93
N LEU A 292 10.40 -20.90 1.12
CA LEU A 292 10.00 -21.58 2.32
C LEU A 292 11.12 -22.53 2.65
N PHE A 293 11.65 -22.43 3.86
CA PHE A 293 12.73 -23.32 4.33
C PHE A 293 12.21 -24.00 5.60
N ILE A 294 12.45 -25.31 5.74
CA ILE A 294 12.17 -26.02 6.97
C ILE A 294 13.40 -26.86 7.34
N HIS A 295 14.05 -26.52 8.44
CA HIS A 295 15.09 -27.37 8.96
C HIS A 295 14.55 -27.98 10.24
N ALA A 296 14.23 -29.27 10.15
CA ALA A 296 13.73 -30.05 11.25
C ALA A 296 14.91 -30.90 11.63
N ALA A 297 15.37 -30.71 12.86
CA ALA A 297 16.58 -31.40 13.34
C ALA A 297 16.25 -32.86 13.61
N GLY A 298 17.16 -33.75 13.21
CA GLY A 298 16.90 -35.19 13.30
C GLY A 298 16.22 -35.74 12.05
N VAL A 299 15.81 -34.83 11.13
CA VAL A 299 15.13 -35.21 9.88
C VAL A 299 15.89 -34.71 8.64
N LYS A 300 16.16 -35.62 7.71
CA LYS A 300 16.83 -35.26 6.47
C LYS A 300 15.87 -34.59 5.46
N GLY A 301 16.03 -33.29 5.26
CA GLY A 301 15.19 -32.53 4.35
C GLY A 301 15.45 -32.82 2.88
N GLU A 302 14.52 -32.41 2.03
CA GLU A 302 14.64 -32.56 0.59
C GLU A 302 14.28 -31.24 -0.06
N LYS A 303 14.84 -30.99 -1.23
CA LYS A 303 14.44 -29.86 -2.08
C LYS A 303 13.18 -30.25 -2.80
N VAL A 304 12.02 -29.88 -2.26
CA VAL A 304 10.75 -30.34 -2.86
C VAL A 304 10.13 -29.37 -3.88
N HIS A 305 9.67 -29.90 -5.02
CA HIS A 305 9.17 -29.07 -6.15
C HIS A 305 7.65 -29.02 -6.27
N LYS A 306 6.98 -29.68 -5.35
CA LYS A 306 5.54 -29.62 -5.31
C LYS A 306 5.04 -28.17 -5.14
N TYR A 307 4.05 -27.81 -5.94
CA TYR A 307 3.33 -26.52 -5.80
C TYR A 307 2.62 -26.53 -4.44
N ALA A 308 2.68 -25.39 -3.74
CA ALA A 308 2.14 -25.25 -2.39
C ALA A 308 1.90 -23.79 -2.07
N GLY A 309 1.00 -23.50 -1.12
CA GLY A 309 0.79 -22.11 -0.67
C GLY A 309 0.88 -21.95 0.85
N ASP A 310 0.82 -20.71 1.34
CA ASP A 310 0.83 -20.42 2.76
C ASP A 310 0.00 -21.34 3.65
N VAL A 311 -1.23 -21.71 3.24
CA VAL A 311 -2.16 -22.48 4.10
C VAL A 311 -1.67 -23.93 4.31
N ASP A 312 -0.70 -24.35 3.50
CA ASP A 312 -0.13 -25.68 3.61
C ASP A 312 0.93 -25.81 4.70
N VAL A 313 1.49 -24.70 5.19
CA VAL A 313 2.59 -24.79 6.17
C VAL A 313 2.21 -25.44 7.50
N ALA A 314 1.08 -25.02 8.07
CA ALA A 314 0.70 -25.44 9.42
C ALA A 314 0.54 -26.96 9.55
N PRO A 315 -0.17 -27.61 8.60
CA PRO A 315 -0.25 -29.11 8.62
C PRO A 315 1.06 -29.81 8.30
N THR A 316 1.95 -29.20 7.55
CA THR A 316 3.23 -29.82 7.28
C THR A 316 3.94 -29.94 8.63
N ILE A 317 3.97 -28.82 9.36
CA ILE A 317 4.66 -28.70 10.61
C ILE A 317 4.05 -29.56 11.69
N LEU A 318 2.74 -29.53 11.80
CA LEU A 318 2.03 -30.33 12.79
C LEU A 318 2.32 -31.81 12.56
N HIS A 319 2.26 -32.24 11.30
CA HIS A 319 2.58 -33.61 10.92
C HIS A 319 3.98 -34.00 11.30
N LEU A 320 4.96 -33.12 11.03
CA LEU A 320 6.34 -33.36 11.44
C LEU A 320 6.43 -33.59 12.97
N LEU A 321 5.58 -32.90 13.72
CA LEU A 321 5.57 -33.02 15.19
C LEU A 321 4.75 -34.20 15.70
N GLY A 322 4.19 -34.97 14.77
CA GLY A 322 3.42 -36.14 15.17
C GLY A 322 2.00 -35.81 15.58
N VAL A 323 1.48 -34.65 15.20
CA VAL A 323 0.08 -34.40 15.52
C VAL A 323 -0.89 -34.49 14.35
N ASP A 324 -1.89 -35.34 14.55
CA ASP A 324 -2.91 -35.64 13.56
C ASP A 324 -3.90 -34.50 13.36
N THR A 325 -3.99 -34.02 12.12
CA THR A 325 -4.79 -32.85 11.77
C THR A 325 -6.15 -33.16 11.14
N LYS A 326 -6.49 -34.44 11.04
CA LYS A 326 -7.78 -34.85 10.47
C LYS A 326 -9.01 -34.28 11.16
N ASP A 327 -8.90 -33.99 12.46
CA ASP A 327 -10.06 -33.48 13.19
C ASP A 327 -10.20 -31.95 13.18
N TYR A 328 -9.25 -31.24 12.58
CA TYR A 328 -9.32 -29.78 12.48
C TYR A 328 -9.83 -29.28 11.16
N LEU A 329 -10.50 -28.13 11.19
CA LEU A 329 -11.01 -27.52 9.99
C LEU A 329 -9.96 -26.56 9.45
N MSE A 330 -9.09 -27.10 8.60
CA MSE A 330 -7.96 -26.42 8.03
C MSE A 330 -8.05 -26.53 6.51
O MSE A 330 -8.40 -27.57 5.99
CB MSE A 330 -6.66 -27.06 8.52
CG MSE A 330 -6.31 -26.67 9.95
SE MSE A 330 -4.62 -27.46 10.56
CE MSE A 330 -4.43 -26.37 12.19
N SER A 331 -7.74 -25.43 5.82
CA SER A 331 -7.85 -25.37 4.38
C SER A 331 -6.68 -26.01 3.66
N GLY A 332 -5.51 -26.03 4.32
CA GLY A 332 -4.27 -26.45 3.67
C GLY A 332 -3.99 -27.94 3.65
N SER A 333 -3.00 -28.31 2.86
CA SER A 333 -2.69 -29.71 2.66
C SER A 333 -1.20 -29.89 2.96
N ASP A 334 -0.87 -30.80 3.87
CA ASP A 334 0.52 -31.15 4.18
C ASP A 334 1.32 -31.36 2.90
N ILE A 335 2.36 -30.56 2.72
CA ILE A 335 3.18 -30.62 1.52
C ILE A 335 3.89 -31.96 1.41
N LEU A 336 4.26 -32.56 2.54
CA LEU A 336 5.01 -33.83 2.49
C LEU A 336 4.10 -35.03 2.24
N SER A 337 2.79 -34.81 2.26
CA SER A 337 1.84 -35.89 2.01
C SER A 337 1.87 -36.37 0.55
N LYS A 338 1.75 -37.68 0.36
CA LYS A 338 1.66 -38.24 -0.99
C LYS A 338 0.50 -37.65 -1.80
N GLU A 339 -0.64 -37.46 -1.14
CA GLU A 339 -1.88 -37.00 -1.76
C GLU A 339 -1.96 -35.47 -1.89
N HIS A 340 -0.89 -34.76 -1.51
CA HIS A 340 -0.88 -33.28 -1.44
C HIS A 340 -1.40 -32.61 -2.72
N ARG A 341 -2.44 -31.78 -2.61
CA ARG A 341 -3.00 -31.07 -3.79
C ARG A 341 -2.09 -29.94 -4.26
N GLU A 342 -1.98 -29.73 -5.57
CA GLU A 342 -1.04 -28.76 -6.10
C GLU A 342 -1.68 -27.62 -6.88
N VAL A 343 -2.99 -27.50 -6.80
CA VAL A 343 -3.70 -26.42 -7.43
C VAL A 343 -3.80 -25.32 -6.34
N ILE A 344 -3.06 -24.23 -6.50
CA ILE A 344 -2.82 -23.30 -5.39
C ILE A 344 -3.67 -22.06 -5.57
N PRO A 345 -4.68 -21.87 -4.71
CA PRO A 345 -5.45 -20.62 -4.85
C PRO A 345 -4.64 -19.40 -4.47
N PHE A 346 -4.95 -18.30 -5.13
CA PHE A 346 -4.61 -16.94 -4.71
C PHE A 346 -5.84 -16.31 -4.07
N ARG A 347 -5.65 -15.36 -3.16
CA ARG A 347 -6.80 -14.75 -2.49
C ARG A 347 -7.87 -14.16 -3.48
N ASN A 348 -7.44 -13.59 -4.60
CA ASN A 348 -8.41 -12.95 -5.46
C ASN A 348 -9.11 -13.95 -6.41
N GLY A 349 -8.85 -15.25 -6.27
CA GLY A 349 -9.53 -16.21 -7.15
C GLY A 349 -8.69 -16.67 -8.34
N ASP A 350 -7.65 -15.91 -8.73
CA ASP A 350 -6.62 -16.43 -9.60
C ASP A 350 -6.05 -17.69 -8.93
N PHE A 351 -5.30 -18.45 -9.70
CA PHE A 351 -4.63 -19.61 -9.14
C PHE A 351 -3.46 -20.04 -9.96
N ILE A 352 -2.65 -20.93 -9.38
CA ILE A 352 -1.56 -21.52 -10.10
C ILE A 352 -1.47 -22.98 -9.76
N SER A 353 -1.14 -23.79 -10.75
CA SER A 353 -0.90 -25.22 -10.57
C SER A 353 0.16 -25.68 -11.57
N PRO A 354 0.64 -26.93 -11.44
CA PRO A 354 1.65 -27.37 -12.41
C PRO A 354 1.14 -27.25 -13.85
N LYS A 355 -0.16 -27.48 -14.03
CA LYS A 355 -0.79 -27.34 -15.33
C LYS A 355 -1.09 -25.89 -15.79
N TYR A 356 -1.75 -25.12 -14.94
CA TYR A 356 -2.33 -23.84 -15.37
C TYR A 356 -1.96 -22.70 -14.47
N THR A 357 -1.74 -21.53 -15.08
CA THR A 357 -1.82 -20.29 -14.34
C THR A 357 -2.98 -19.42 -14.85
N LYS A 358 -3.90 -19.12 -13.95
CA LYS A 358 -5.08 -18.35 -14.30
C LYS A 358 -5.01 -16.98 -13.69
N ILE A 359 -5.04 -15.94 -14.53
CA ILE A 359 -4.94 -14.55 -14.07
C ILE A 359 -6.01 -13.69 -14.77
N SER A 360 -6.85 -13.02 -13.96
CA SER A 360 -8.00 -12.23 -14.46
C SER A 360 -8.76 -12.96 -15.55
N GLY A 361 -9.08 -14.22 -15.31
CA GLY A 361 -9.83 -15.01 -16.29
C GLY A 361 -9.09 -15.53 -17.52
N LYS A 362 -7.81 -15.22 -17.67
CA LYS A 362 -7.03 -15.83 -18.74
C LYS A 362 -6.22 -17.05 -18.22
N TYR A 363 -6.09 -18.06 -19.07
CA TYR A 363 -5.30 -19.23 -18.73
C TYR A 363 -4.02 -19.33 -19.54
N TYR A 364 -2.94 -19.68 -18.84
CA TYR A 364 -1.67 -19.89 -19.47
C TYR A 364 -1.17 -21.25 -19.09
N ASP A 365 -0.37 -21.84 -19.97
CA ASP A 365 0.35 -23.04 -19.61
C ASP A 365 1.42 -22.67 -18.58
N THR A 366 1.35 -23.28 -17.40
CA THR A 366 2.28 -22.95 -16.33
C THR A 366 3.74 -23.12 -16.75
N LYS A 367 4.05 -24.22 -17.44
CA LYS A 367 5.41 -24.50 -17.90
C LYS A 367 5.94 -23.46 -18.90
N THR A 368 5.13 -23.12 -19.92
CA THR A 368 5.66 -22.36 -21.04
C THR A 368 5.25 -20.89 -21.11
N GLY A 369 4.23 -20.50 -20.34
CA GLY A 369 3.61 -19.16 -20.49
C GLY A 369 2.67 -18.98 -21.68
N LYS A 370 2.56 -20.00 -22.52
CA LYS A 370 1.68 -19.92 -23.71
C LYS A 370 0.22 -19.70 -23.31
N GLU A 371 -0.41 -18.69 -23.90
CA GLU A 371 -1.82 -18.42 -23.61
C GLU A 371 -2.68 -19.54 -24.18
N LEU A 372 -3.64 -20.00 -23.40
CA LEU A 372 -4.56 -21.07 -23.74
C LEU A 372 -5.94 -20.48 -24.00
N ASP A 373 -6.62 -20.92 -25.05
CA ASP A 373 -8.03 -20.54 -25.13
C ASP A 373 -8.92 -21.37 -24.22
N GLU A 374 -9.88 -20.66 -23.61
CA GLU A 374 -10.91 -21.20 -22.73
C GLU A 374 -11.45 -22.55 -23.14
N SER A 375 -11.61 -22.77 -24.45
CA SER A 375 -12.20 -24.00 -24.98
C SER A 375 -11.48 -25.28 -24.57
N GLU A 376 -10.16 -25.19 -24.43
CA GLU A 376 -9.33 -26.38 -24.22
C GLU A 376 -8.90 -26.58 -22.77
N VAL A 377 -9.42 -25.75 -21.89
CA VAL A 377 -9.09 -25.80 -20.49
C VAL A 377 -10.08 -26.68 -19.71
N ASP A 378 -9.54 -27.60 -18.92
CA ASP A 378 -10.32 -28.38 -17.99
C ASP A 378 -10.69 -27.49 -16.79
N LYS A 379 -11.98 -27.24 -16.65
CA LYS A 379 -12.55 -26.42 -15.59
C LYS A 379 -12.47 -27.03 -14.18
N SER A 380 -12.09 -28.29 -14.07
CA SER A 380 -12.06 -28.98 -12.78
C SER A 380 -11.11 -28.33 -11.76
N GLU A 381 -10.03 -27.71 -12.21
CA GLU A 381 -9.12 -27.05 -11.27
C GLU A 381 -9.73 -25.77 -10.74
N ASP A 382 -10.32 -24.99 -11.63
CA ASP A 382 -10.97 -23.74 -11.22
C ASP A 382 -12.05 -24.01 -10.13
N SER A 383 -12.86 -25.06 -10.34
CA SER A 383 -13.87 -25.45 -9.34
C SER A 383 -13.27 -25.85 -7.99
N LEU A 384 -12.14 -26.55 -8.01
CA LEU A 384 -11.47 -26.96 -6.79
C LEU A 384 -11.06 -25.71 -6.01
N VAL A 385 -10.54 -24.71 -6.74
CA VAL A 385 -10.12 -23.42 -6.15
C VAL A 385 -11.30 -22.69 -5.49
N LYS A 386 -12.41 -22.51 -6.23
CA LYS A 386 -13.58 -21.81 -5.74
C LYS A 386 -14.05 -22.43 -4.44
N LYS A 387 -14.24 -23.75 -4.45
CA LYS A 387 -14.63 -24.54 -3.28
C LYS A 387 -13.63 -24.40 -2.11
N GLU A 388 -12.33 -24.48 -2.39
CA GLU A 388 -11.33 -24.34 -1.32
C GLU A 388 -11.50 -22.98 -0.64
N LEU A 389 -11.59 -21.92 -1.42
CA LEU A 389 -11.81 -20.57 -0.89
C LEU A 389 -13.16 -20.42 -0.19
N GLU A 390 -14.22 -20.98 -0.79
CA GLU A 390 -15.57 -20.87 -0.24
C GLU A 390 -15.68 -21.51 1.17
N MSE A 391 -15.08 -22.68 1.35
CA MSE A 391 -15.16 -23.38 2.63
C MSE A 391 -14.48 -22.57 3.73
O MSE A 391 -15.04 -22.38 4.80
CB MSE A 391 -14.60 -24.79 2.55
CG MSE A 391 -15.39 -25.72 1.62
SE MSE A 391 -17.30 -25.92 2.07
CE MSE A 391 -18.10 -24.82 0.68
N SER A 392 -13.29 -22.07 3.42
CA SER A 392 -12.61 -21.19 4.33
C SER A 392 -13.46 -19.94 4.66
N ASP A 393 -13.97 -19.25 3.63
CA ASP A 393 -14.83 -18.06 3.85
C ASP A 393 -16.06 -18.33 4.70
N LYS A 394 -16.67 -19.50 4.56
CA LYS A 394 -17.80 -19.84 5.45
C LYS A 394 -17.38 -19.86 6.92
N ILE A 395 -16.19 -20.39 7.16
CA ILE A 395 -15.68 -20.49 8.53
C ILE A 395 -15.45 -19.10 9.13
N ILE A 396 -14.80 -18.23 8.36
CA ILE A 396 -14.40 -16.94 8.84
C ILE A 396 -15.58 -15.98 8.94
N ASN A 397 -16.42 -15.96 7.90
CA ASN A 397 -17.57 -15.07 7.86
C ASN A 397 -18.63 -15.44 8.88
N GLY A 398 -18.82 -16.74 9.11
CA GLY A 398 -19.86 -17.18 10.04
C GLY A 398 -19.28 -17.54 11.39
N ASP A 399 -17.98 -17.26 11.62
CA ASP A 399 -17.34 -17.56 12.89
C ASP A 399 -17.76 -18.97 13.38
N LEU A 400 -17.48 -19.97 12.54
CA LEU A 400 -18.10 -21.30 12.66
C LEU A 400 -17.45 -22.17 13.71
N LEU A 401 -16.20 -21.86 14.03
CA LEU A 401 -15.46 -22.57 15.07
C LEU A 401 -16.07 -22.44 16.49
N ARG A 402 -17.00 -21.50 16.72
CA ARG A 402 -17.82 -21.53 17.95
C ARG A 402 -18.61 -22.85 18.09
N PHE A 403 -18.85 -23.52 16.97
CA PHE A 403 -19.73 -24.69 16.92
C PHE A 403 -18.98 -25.97 16.57
N TYR A 404 -17.65 -25.96 16.61
CA TYR A 404 -16.86 -27.15 16.31
C TYR A 404 -15.88 -27.46 17.43
N GLU A 405 -15.93 -28.69 17.96
CA GLU A 405 -14.94 -29.13 18.95
C GLU A 405 -14.11 -30.32 18.45
N PRO A 406 -12.82 -30.09 18.14
CA PRO A 406 -11.89 -31.16 17.79
C PRO A 406 -11.54 -31.90 19.06
N LYS A 407 -10.99 -33.11 18.94
CA LYS A 407 -10.89 -34.01 20.10
C LYS A 407 -9.88 -33.62 21.17
N GLY A 408 -8.70 -33.21 20.76
CA GLY A 408 -7.69 -32.88 21.75
C GLY A 408 -8.10 -31.59 22.41
N PHE A 409 -8.67 -30.71 21.60
CA PHE A 409 -8.64 -29.27 21.81
C PHE A 409 -9.37 -28.74 23.02
N LYS A 410 -8.67 -27.91 23.77
CA LYS A 410 -9.35 -27.14 24.78
C LYS A 410 -9.44 -25.65 24.38
N LYS A 411 -10.68 -25.18 24.37
CA LYS A 411 -11.07 -23.84 23.97
C LYS A 411 -10.16 -22.75 24.50
N VAL A 412 -9.77 -21.82 23.64
CA VAL A 412 -8.98 -20.68 24.07
C VAL A 412 -9.79 -19.61 24.79
N ASN A 413 -9.28 -19.11 25.91
CA ASN A 413 -9.88 -17.94 26.56
C ASN A 413 -9.00 -16.69 26.41
N PRO A 414 -9.32 -15.81 25.43
CA PRO A 414 -8.50 -14.63 25.17
C PRO A 414 -8.11 -13.80 26.42
N SER A 415 -8.99 -13.74 27.42
CA SER A 415 -8.73 -13.00 28.65
C SER A 415 -7.58 -13.48 29.54
N ASP A 416 -7.05 -14.67 29.25
CA ASP A 416 -5.89 -15.25 29.94
C ASP A 416 -4.60 -14.53 29.62
N TYR A 417 -4.52 -13.91 28.44
CA TYR A 417 -3.27 -13.36 27.95
C TYR A 417 -3.12 -11.89 28.28
N ASP A 418 -1.93 -11.49 28.68
CA ASP A 418 -1.67 -10.11 29.02
C ASP A 418 -0.31 -9.78 28.48
N TYR A 419 -0.22 -8.71 27.69
CA TYR A 419 1.03 -8.37 27.03
C TYR A 419 1.63 -7.01 27.43
N THR A 420 1.30 -6.56 28.64
CA THR A 420 1.95 -5.41 29.23
C THR A 420 3.33 -5.87 29.77
N LYS A 421 4.37 -5.10 29.45
CA LYS A 421 5.70 -5.31 30.04
C LYS A 421 5.68 -4.72 31.43
N HIS A 422 6.19 -5.44 32.42
CA HIS A 422 6.13 -4.90 33.77
C HIS A 422 7.37 -4.11 34.17
N ALA B 2 -8.09 3.21 -30.12
CA ALA B 2 -7.24 3.79 -31.19
C ALA B 2 -8.02 3.92 -32.50
N ASP B 3 -8.80 5.00 -32.62
CA ASP B 3 -9.58 5.30 -33.84
C ASP B 3 -10.05 6.75 -33.85
N SER B 4 -9.83 7.44 -34.97
CA SER B 4 -10.10 8.88 -35.14
C SER B 4 -11.54 9.38 -34.83
N SER B 5 -12.55 8.70 -35.36
CA SER B 5 -13.96 9.11 -35.16
C SER B 5 -14.55 8.78 -33.78
N ASP B 6 -13.82 8.00 -32.99
CA ASP B 6 -14.19 7.71 -31.59
C ASP B 6 -14.15 8.97 -30.70
N VAL B 7 -13.45 10.00 -31.14
CA VAL B 7 -13.35 11.25 -30.40
C VAL B 7 -14.66 12.08 -30.40
N THR B 8 -15.52 11.84 -31.40
CA THR B 8 -16.69 12.70 -31.68
C THR B 8 -17.67 12.78 -30.52
N GLU B 9 -18.18 11.63 -30.08
CA GLU B 9 -19.19 11.59 -29.02
C GLU B 9 -18.64 12.12 -27.71
N VAL B 10 -17.33 11.88 -27.48
CA VAL B 10 -16.59 12.38 -26.32
C VAL B 10 -16.55 13.91 -26.33
N GLU B 11 -16.26 14.45 -27.51
CA GLU B 11 -16.30 15.89 -27.74
C GLU B 11 -17.74 16.43 -27.62
N ASN B 12 -18.72 15.75 -28.20
CA ASN B 12 -20.12 16.17 -28.08
C ASN B 12 -20.54 16.23 -26.62
N TYR B 13 -20.25 15.14 -25.89
CA TYR B 13 -20.58 15.07 -24.47
C TYR B 13 -19.84 16.12 -23.65
N MSE B 14 -18.53 16.26 -23.82
CA MSE B 14 -17.76 17.28 -23.11
C MSE B 14 -18.38 18.68 -23.29
O MSE B 14 -18.57 19.42 -22.33
CB MSE B 14 -16.30 17.31 -23.58
CG MSE B 14 -15.21 17.22 -22.49
SE MSE B 14 -15.06 15.39 -21.75
CE MSE B 14 -13.15 15.09 -21.59
N LYS B 15 -18.72 19.02 -24.55
CA LYS B 15 -19.22 20.34 -24.87
C LYS B 15 -20.66 20.59 -24.42
N ALA B 16 -21.50 19.58 -24.47
CA ALA B 16 -22.86 19.65 -23.94
C ALA B 16 -22.89 19.80 -22.41
N ASN B 17 -21.83 19.37 -21.74
CA ASN B 17 -21.76 19.42 -20.27
C ASN B 17 -20.71 20.40 -19.71
N TYR B 18 -20.30 21.37 -20.53
CA TYR B 18 -19.32 22.38 -20.13
C TYR B 18 -19.90 23.33 -19.10
N ASP B 19 -19.20 23.48 -17.97
CA ASP B 19 -19.68 24.37 -16.91
C ASP B 19 -19.04 25.76 -17.01
N VAL B 20 -19.80 26.67 -17.62
CA VAL B 20 -19.42 28.05 -17.97
C VAL B 20 -18.71 28.84 -16.86
N PRO B 21 -17.66 29.63 -17.20
CA PRO B 21 -16.96 30.40 -16.17
C PRO B 21 -17.82 31.52 -15.60
N ASN B 22 -17.59 31.81 -14.33
CA ASN B 22 -18.31 32.83 -13.61
C ASN B 22 -17.49 34.11 -13.64
N ASN B 23 -18.01 35.16 -14.32
CA ASN B 23 -17.22 36.39 -14.54
C ASN B 23 -17.00 37.33 -13.34
N VAL B 24 -17.48 36.91 -12.16
CA VAL B 24 -17.05 37.46 -10.88
C VAL B 24 -15.60 36.97 -10.57
N TYR B 25 -15.22 35.83 -11.12
CA TYR B 25 -13.86 35.30 -10.91
C TYR B 25 -12.97 35.16 -12.16
N PHE B 26 -13.57 35.08 -13.34
CA PHE B 26 -12.82 34.74 -14.56
C PHE B 26 -11.74 35.78 -14.85
N GLY B 27 -10.48 35.35 -14.87
CA GLY B 27 -9.39 36.26 -15.20
C GLY B 27 -8.95 37.26 -14.15
N LYS B 28 -9.48 37.19 -12.93
CA LYS B 28 -9.04 38.14 -11.91
C LYS B 28 -7.62 37.93 -11.37
N ALA B 29 -6.98 36.82 -11.78
CA ALA B 29 -5.57 36.58 -11.50
C ALA B 29 -4.76 36.31 -12.78
N GLU B 30 -5.08 37.06 -13.83
CA GLU B 30 -4.55 36.81 -15.16
C GLU B 30 -3.03 36.66 -15.29
N GLY B 31 -2.27 37.65 -14.85
CA GLY B 31 -0.82 37.57 -15.05
C GLY B 31 -0.08 36.58 -14.15
N LYS B 32 -0.80 36.05 -13.15
CA LYS B 32 -0.15 35.53 -11.95
C LYS B 32 0.53 34.19 -12.13
N ASN B 33 1.70 34.01 -11.49
CA ASN B 33 2.32 32.68 -11.40
C ASN B 33 1.43 31.70 -10.68
N VAL B 34 1.58 30.42 -11.00
CA VAL B 34 0.94 29.32 -10.29
C VAL B 34 1.96 28.53 -9.48
N ILE B 35 1.65 28.28 -8.22
CA ILE B 35 2.48 27.43 -7.37
C ILE B 35 1.56 26.41 -6.71
N TYR B 36 1.78 25.13 -6.99
CA TYR B 36 1.00 24.01 -6.42
C TYR B 36 1.81 23.37 -5.32
N VAL B 37 1.16 23.04 -4.21
CA VAL B 37 1.79 22.20 -3.20
C VAL B 37 0.92 20.98 -2.96
N SER B 38 1.49 19.79 -3.17
CA SER B 38 0.87 18.54 -2.74
C SER B 38 1.26 18.29 -1.27
N LEU B 39 0.24 18.37 -0.40
CA LEU B 39 0.38 18.18 1.03
C LEU B 39 0.24 16.69 1.33
N GLU B 40 1.34 16.01 1.65
CA GLU B 40 1.32 14.55 1.64
C GLU B 40 0.35 13.95 2.65
N SER B 41 -0.56 13.09 2.17
CA SER B 41 -1.42 12.31 3.05
C SER B 41 -2.26 13.17 4.02
N LEU B 42 -2.48 14.45 3.71
CA LEU B 42 -3.21 15.33 4.64
C LEU B 42 -4.74 15.24 4.43
N GLN B 43 -5.45 14.90 5.51
CA GLN B 43 -6.92 14.78 5.48
C GLN B 43 -7.61 15.98 6.16
N SER B 44 -8.77 16.37 5.64
CA SER B 44 -9.45 17.58 6.09
C SER B 44 -9.84 17.54 7.56
N PHE B 45 -10.01 16.36 8.16
CA PHE B 45 -10.44 16.28 9.55
C PHE B 45 -9.43 16.96 10.47
N ILE B 46 -8.17 17.05 10.04
CA ILE B 46 -7.15 17.66 10.89
C ILE B 46 -7.24 19.18 11.01
N ILE B 47 -7.78 19.87 10.01
CA ILE B 47 -7.88 21.31 10.16
C ILE B 47 -8.85 21.64 11.32
N ASP B 48 -8.41 22.60 12.13
CA ASP B 48 -9.04 22.97 13.41
C ASP B 48 -8.91 21.89 14.48
N TYR B 49 -8.32 20.74 14.15
CA TYR B 49 -8.15 19.67 15.15
C TYR B 49 -7.04 19.97 16.19
N LYS B 50 -7.31 19.66 17.47
CA LYS B 50 -6.38 19.91 18.59
C LYS B 50 -5.93 18.64 19.32
N ILE B 51 -4.63 18.56 19.63
CA ILE B 51 -4.08 17.53 20.54
C ILE B 51 -3.58 18.18 21.81
N ASP B 52 -4.13 17.77 22.95
CA ASP B 52 -3.82 18.36 24.25
C ASP B 52 -4.02 19.87 24.25
N GLY B 53 -5.02 20.33 23.51
CA GLY B 53 -5.35 21.76 23.45
C GLY B 53 -4.44 22.57 22.55
N LYS B 54 -3.60 21.88 21.77
CA LYS B 54 -2.72 22.54 20.79
C LYS B 54 -3.18 22.27 19.35
N GLU B 55 -3.38 23.32 18.57
CA GLU B 55 -3.72 23.19 17.17
C GLU B 55 -2.65 22.36 16.44
N VAL B 56 -3.11 21.35 15.70
CA VAL B 56 -2.23 20.45 14.94
C VAL B 56 -1.74 21.16 13.67
N THR B 57 -2.63 21.86 12.97
CA THR B 57 -2.22 22.62 11.77
C THR B 57 -2.49 24.14 11.87
N PRO B 58 -1.83 24.81 12.83
CA PRO B 58 -2.29 26.17 13.11
C PRO B 58 -2.25 27.12 11.91
N PHE B 59 -1.18 27.05 11.11
CA PHE B 59 -1.03 27.96 9.99
C PHE B 59 -2.09 27.70 8.91
N LEU B 60 -2.35 26.43 8.63
CA LEU B 60 -3.38 26.07 7.68
C LEU B 60 -4.78 26.35 8.23
N ASN B 61 -4.94 26.22 9.55
CA ASN B 61 -6.21 26.59 10.20
C ASN B 61 -6.54 28.06 10.02
N LYS B 62 -5.51 28.90 10.12
CA LYS B 62 -5.69 30.32 9.95
C LYS B 62 -6.17 30.56 8.52
N LEU B 63 -5.43 30.02 7.56
CA LEU B 63 -5.79 30.12 6.17
C LEU B 63 -7.24 29.69 5.87
N ALA B 64 -7.75 28.74 6.65
CA ALA B 64 -9.14 28.29 6.52
C ALA B 64 -10.18 29.27 7.09
N HIS B 65 -9.73 30.20 7.95
CA HIS B 65 -10.62 31.18 8.60
C HIS B 65 -10.40 32.64 8.22
N ASP B 66 -9.44 32.92 7.34
CA ASP B 66 -9.19 34.30 6.91
C ASP B 66 -10.34 34.87 6.05
N ASN B 67 -10.24 36.15 5.68
CA ASN B 67 -11.26 36.77 4.83
C ASN B 67 -10.76 36.96 3.41
N GLU B 68 -9.86 36.06 3.01
CA GLU B 68 -9.08 36.20 1.80
C GLU B 68 -8.94 34.90 1.00
N THR B 69 -8.61 33.80 1.68
CA THR B 69 -8.16 32.57 1.01
C THR B 69 -9.33 31.63 0.71
N PHE B 70 -9.41 31.14 -0.53
CA PHE B 70 -10.42 30.12 -0.88
C PHE B 70 -10.13 28.82 -0.12
N TYR B 71 -11.12 28.37 0.67
CA TYR B 71 -11.01 27.10 1.35
C TYR B 71 -12.21 26.22 1.01
N PHE B 72 -11.93 24.96 0.69
CA PHE B 72 -12.96 24.00 0.25
C PHE B 72 -12.98 22.83 1.22
N ASP B 73 -14.11 22.70 1.92
CA ASP B 73 -14.24 21.71 3.00
C ASP B 73 -15.13 20.52 2.61
N ASN B 74 -15.55 20.52 1.35
CA ASN B 74 -16.20 19.38 0.74
C ASN B 74 -15.47 19.01 -0.54
N PHE B 75 -14.15 18.93 -0.45
CA PHE B 75 -13.32 18.54 -1.56
C PHE B 75 -12.74 17.16 -1.28
N PHE B 76 -12.89 16.28 -2.26
CA PHE B 76 -12.49 14.88 -2.14
C PHE B 76 -11.37 14.47 -3.10
N HIS B 77 -10.45 13.64 -2.63
CA HIS B 77 -9.47 13.08 -3.54
C HIS B 77 -10.16 11.94 -4.34
N GLN B 78 -9.66 11.70 -5.55
CA GLN B 78 -10.28 10.76 -6.48
C GLN B 78 -9.22 9.77 -6.98
N THR B 79 -8.23 9.49 -6.14
CA THR B 79 -7.10 8.68 -6.52
C THR B 79 -7.39 7.18 -6.47
N GLY B 80 -6.52 6.40 -7.08
CA GLY B 80 -6.67 4.94 -7.09
C GLY B 80 -5.33 4.44 -6.64
N GLN B 81 -4.79 3.45 -7.34
CA GLN B 81 -3.56 2.86 -6.80
C GLN B 81 -2.30 3.68 -7.06
N GLY B 82 -2.39 4.71 -7.89
CA GLY B 82 -1.22 5.54 -8.21
C GLY B 82 -0.99 6.63 -7.18
N LYS B 83 -1.92 6.76 -6.25
CA LYS B 83 -1.87 7.69 -5.14
C LYS B 83 -1.31 9.10 -5.40
N TPO B 84 -0.10 9.42 -4.94
CA TPO B 84 0.43 10.76 -5.14
CB TPO B 84 1.89 10.87 -4.64
CG2 TPO B 84 2.35 12.34 -4.59
OG1 TPO B 84 1.93 10.39 -3.31
P TPO B 84 2.65 9.01 -2.81
O1P TPO B 84 2.19 9.11 -1.38
O2P TPO B 84 1.98 7.87 -3.55
O3P TPO B 84 4.11 9.20 -3.11
C TPO B 84 0.36 11.16 -6.60
O TPO B 84 -0.13 12.23 -6.94
N SER B 85 0.82 10.25 -7.46
CA SER B 85 0.91 10.52 -8.89
C SER B 85 -0.47 10.56 -9.55
N ASP B 86 -1.45 9.82 -9.05
CA ASP B 86 -2.84 9.91 -9.56
C ASP B 86 -3.41 11.33 -9.38
N ALA B 87 -3.21 11.90 -8.20
CA ALA B 87 -3.58 13.29 -7.91
C ALA B 87 -2.91 14.30 -8.85
N GLU B 88 -1.60 14.15 -9.05
CA GLU B 88 -0.86 14.97 -10.00
C GLU B 88 -1.44 14.88 -11.38
N PHE B 89 -1.75 13.67 -11.82
CA PHE B 89 -2.23 13.44 -13.19
C PHE B 89 -3.52 14.23 -13.37
N MSE B 90 -4.36 14.21 -12.34
CA MSE B 90 -5.60 14.99 -12.31
C MSE B 90 -5.43 16.53 -12.27
O MSE B 90 -6.15 17.24 -12.97
CB MSE B 90 -6.54 14.47 -11.21
CG MSE B 90 -7.13 13.07 -11.56
SE MSE B 90 -8.38 12.38 -10.20
CE MSE B 90 -7.04 11.62 -9.00
N MSE B 91 -4.47 17.03 -11.47
CA MSE B 91 -4.14 18.46 -11.45
C MSE B 91 -3.81 18.93 -12.85
O MSE B 91 -4.31 19.91 -13.30
CB MSE B 91 -2.94 18.77 -10.52
CG MSE B 91 -3.15 18.75 -9.00
SE MSE B 91 -4.97 19.12 -8.36
CE MSE B 91 -4.65 20.25 -6.82
N GLU B 92 -2.98 18.17 -13.55
CA GLU B 92 -2.42 18.55 -14.84
C GLU B 92 -3.37 18.29 -16.01
N ASN B 93 -4.18 17.26 -15.94
CA ASN B 93 -4.91 16.82 -17.13
C ASN B 93 -6.42 16.94 -17.05
N SER B 94 -6.94 16.97 -15.80
CA SER B 94 -8.39 16.91 -15.53
C SER B 94 -9.03 15.65 -16.15
N LEU B 95 -8.28 14.56 -16.08
CA LEU B 95 -8.73 13.23 -16.49
C LEU B 95 -8.53 12.29 -15.31
N TYR B 96 -9.42 11.30 -15.19
CA TYR B 96 -9.29 10.31 -14.16
C TYR B 96 -8.13 9.36 -14.40
N PRO B 97 -7.53 8.83 -13.32
CA PRO B 97 -6.46 7.84 -13.42
C PRO B 97 -7.05 6.45 -13.78
N LEU B 98 -6.23 5.41 -13.76
CA LEU B 98 -6.72 4.07 -14.12
C LEU B 98 -7.45 3.45 -12.92
N ALA B 99 -8.37 2.54 -13.20
CA ALA B 99 -9.17 1.85 -12.19
C ALA B 99 -8.27 0.90 -11.41
N GLN B 100 -7.27 0.34 -12.12
CA GLN B 100 -6.19 -0.50 -11.55
C GLN B 100 -4.79 -0.06 -12.03
N GLY B 101 -3.79 -0.16 -11.17
CA GLY B 101 -2.43 0.23 -11.52
C GLY B 101 -2.24 1.75 -11.61
N SER B 102 -1.14 2.16 -12.22
CA SER B 102 -0.72 3.55 -12.17
C SER B 102 -0.72 4.13 -13.58
N VAL B 103 -1.49 5.20 -13.75
CA VAL B 103 -1.51 5.93 -15.00
C VAL B 103 -0.09 6.47 -15.32
N PHE B 104 0.65 6.97 -14.32
CA PHE B 104 2.03 7.49 -14.52
C PHE B 104 2.98 6.42 -15.06
N VAL B 105 2.87 5.20 -14.53
CA VAL B 105 3.74 4.12 -14.92
C VAL B 105 3.38 3.60 -16.31
N ASN B 106 2.08 3.60 -16.63
CA ASN B 106 1.56 2.79 -17.72
C ASN B 106 1.10 3.53 -18.99
N LYS B 107 0.92 4.84 -18.87
CA LYS B 107 0.28 5.67 -19.90
C LYS B 107 1.13 6.89 -20.17
N ALA B 108 2.41 6.83 -19.82
CA ALA B 108 3.30 7.94 -20.10
C ALA B 108 3.53 8.17 -21.58
N GLN B 109 3.25 7.16 -22.40
CA GLN B 109 3.31 7.31 -23.88
C GLN B 109 2.05 7.90 -24.46
N ASN B 110 1.03 8.12 -23.63
CA ASN B 110 -0.18 8.79 -24.10
C ASN B 110 0.13 10.23 -24.52
N THR B 111 -0.57 10.73 -25.54
CA THR B 111 -0.45 12.13 -26.00
C THR B 111 -1.30 12.95 -25.03
N LEU B 112 -0.75 14.03 -24.51
CA LEU B 112 -1.46 14.76 -23.46
C LEU B 112 -1.52 16.25 -23.77
N GLN B 113 -2.56 16.89 -23.23
CA GLN B 113 -2.81 18.33 -23.42
C GLN B 113 -2.91 19.00 -22.06
N SER B 114 -1.85 18.81 -21.29
CA SER B 114 -1.74 19.25 -19.91
C SER B 114 -1.67 20.75 -19.72
N VAL B 115 -2.08 21.16 -18.53
CA VAL B 115 -2.06 22.56 -18.09
C VAL B 115 -0.73 23.27 -18.37
N PRO B 116 0.41 22.73 -17.89
CA PRO B 116 1.70 23.42 -18.15
C PRO B 116 2.00 23.63 -19.61
N ALA B 117 1.51 22.70 -20.43
CA ALA B 117 1.62 22.78 -21.88
C ALA B 117 0.65 23.78 -22.47
N ILE B 118 -0.52 23.93 -21.85
CA ILE B 118 -1.50 24.95 -22.28
C ILE B 118 -0.94 26.37 -22.08
N LEU B 119 -0.38 26.61 -20.90
CA LEU B 119 0.19 27.92 -20.51
C LEU B 119 1.56 28.26 -21.15
N LYS B 120 2.13 27.38 -21.96
CA LYS B 120 3.30 27.79 -22.76
C LYS B 120 2.95 28.94 -23.69
N SER B 121 1.76 28.89 -24.29
CA SER B 121 1.35 29.87 -25.26
C SER B 121 1.16 31.24 -24.61
N LYS B 122 1.30 31.30 -23.29
CA LYS B 122 1.34 32.56 -22.58
C LYS B 122 2.71 32.76 -21.89
N ASN B 123 3.74 32.07 -22.39
CA ASN B 123 5.12 32.19 -21.87
C ASN B 123 5.37 31.71 -20.42
N TYR B 124 4.54 30.78 -19.93
CA TYR B 124 4.75 30.17 -18.60
C TYR B 124 5.80 29.09 -18.70
N THR B 125 6.87 29.24 -17.92
CA THR B 125 7.89 28.20 -17.72
C THR B 125 7.44 27.25 -16.60
N SER B 126 7.66 25.94 -16.74
CA SER B 126 7.21 24.98 -15.72
C SER B 126 8.30 24.11 -15.10
N ALA B 127 8.10 23.77 -13.82
CA ALA B 127 9.09 23.08 -13.01
C ALA B 127 8.47 22.29 -11.87
N THR B 128 8.94 21.06 -11.66
CA THR B 128 8.58 20.33 -10.44
C THR B 128 9.76 20.25 -9.50
N PHE B 129 9.45 20.37 -8.21
CA PHE B 129 10.43 20.30 -7.13
C PHE B 129 10.03 19.12 -6.25
N HIS B 130 10.95 18.18 -6.05
CA HIS B 130 10.66 17.00 -5.27
C HIS B 130 11.94 16.47 -4.66
N GLY B 131 11.90 16.13 -3.37
CA GLY B 131 13.09 15.68 -2.66
C GLY B 131 13.40 14.18 -2.83
N ASN B 132 13.02 13.62 -3.96
CA ASN B 132 13.29 12.22 -4.22
C ASN B 132 13.78 12.10 -5.65
N THR B 133 14.33 10.95 -5.99
CA THR B 133 14.74 10.69 -7.37
C THR B 133 13.60 10.81 -8.42
N GLN B 134 13.99 11.20 -9.62
CA GLN B 134 13.03 11.49 -10.70
C GLN B 134 12.28 10.27 -11.28
N THR B 135 12.80 9.07 -10.99
CA THR B 135 12.27 7.82 -11.52
C THR B 135 11.14 7.26 -10.69
N PHE B 136 10.97 7.76 -9.48
CA PHE B 136 9.88 7.33 -8.62
C PHE B 136 8.53 7.68 -9.26
N TRP B 137 7.59 6.73 -9.26
CA TRP B 137 6.33 6.85 -10.00
C TRP B 137 6.53 7.20 -11.47
N ASN B 138 7.66 6.80 -12.05
CA ASN B 138 7.91 7.05 -13.47
C ASN B 138 7.76 8.55 -13.84
N ARG B 139 8.05 9.45 -12.90
CA ARG B 139 7.80 10.88 -13.12
C ARG B 139 8.60 11.52 -14.26
N ASN B 140 9.84 11.08 -14.45
CA ASN B 140 10.70 11.63 -15.50
C ASN B 140 10.18 11.37 -16.92
N GLU B 141 9.38 10.32 -17.09
CA GLU B 141 8.77 10.02 -18.38
C GLU B 141 7.42 10.72 -18.52
N MSE B 142 6.61 10.66 -17.48
CA MSE B 142 5.25 11.28 -17.53
C MSE B 142 5.31 12.79 -17.66
O MSE B 142 4.55 13.35 -18.43
CB MSE B 142 4.38 10.88 -16.32
CG MSE B 142 2.97 11.52 -16.29
SE MSE B 142 1.84 11.23 -17.93
CE MSE B 142 1.07 9.46 -17.56
N TYR B 143 6.22 13.44 -16.94
CA TYR B 143 6.34 14.92 -17.00
C TYR B 143 6.67 15.44 -18.40
N LYS B 144 7.42 14.67 -19.17
CA LYS B 144 7.76 15.11 -20.51
C LYS B 144 6.49 15.13 -21.36
N ALA B 145 5.61 14.15 -21.15
CA ALA B 145 4.32 14.10 -21.85
C ALA B 145 3.38 15.25 -21.45
N GLU B 146 3.64 15.82 -20.26
CA GLU B 146 2.84 16.91 -19.72
C GLU B 146 3.47 18.25 -20.02
N GLY B 147 4.70 18.20 -20.56
CA GLY B 147 5.45 19.39 -20.96
C GLY B 147 5.97 20.23 -19.81
N ILE B 148 6.29 19.59 -18.67
CA ILE B 148 7.02 20.28 -17.63
C ILE B 148 8.46 20.54 -18.11
N ASP B 149 8.90 21.79 -18.11
CA ASP B 149 10.23 22.12 -18.64
C ASP B 149 11.36 21.63 -17.75
N LYS B 150 11.17 21.68 -16.45
CA LYS B 150 12.25 21.48 -15.52
C LYS B 150 11.86 20.59 -14.34
N PHE B 151 12.75 19.69 -13.99
CA PHE B 151 12.49 18.82 -12.88
C PHE B 151 13.63 18.87 -11.86
N PHE B 152 13.43 19.65 -10.80
CA PHE B 152 14.40 19.71 -9.72
C PHE B 152 14.10 18.57 -8.76
N ASP B 153 14.85 17.49 -8.90
CA ASP B 153 14.63 16.33 -8.06
C ASP B 153 15.75 16.25 -7.02
N SER B 154 15.87 15.09 -6.38
CA SER B 154 16.84 14.90 -5.29
C SER B 154 18.30 15.29 -5.58
N ALA B 155 18.67 15.47 -6.85
CA ALA B 155 20.07 15.76 -7.19
C ALA B 155 20.44 17.23 -6.97
N TYR B 156 19.41 18.07 -6.84
CA TYR B 156 19.59 19.49 -6.58
C TYR B 156 19.55 19.81 -5.10
N TYR B 157 19.16 18.85 -4.28
CA TYR B 157 19.09 19.04 -2.85
C TYR B 157 20.25 18.27 -2.22
N ASP B 158 20.81 18.81 -1.13
CA ASP B 158 21.92 18.16 -0.45
C ASP B 158 21.38 17.06 0.47
N MSE B 159 21.74 15.82 0.18
CA MSE B 159 21.05 14.66 0.75
C MSE B 159 21.71 14.10 2.03
O MSE B 159 21.73 12.87 2.21
CB MSE B 159 20.88 13.54 -0.30
CG MSE B 159 19.95 13.87 -1.49
SE MSE B 159 18.01 13.59 -1.14
CE MSE B 159 17.87 11.66 -1.52
N ASN B 160 22.24 14.98 2.90
CA ASN B 160 22.87 14.56 4.17
C ASN B 160 22.05 13.58 5.01
N GLU B 161 22.74 12.79 5.83
CA GLU B 161 22.13 11.89 6.79
C GLU B 161 21.06 12.61 7.66
N GLU B 162 21.30 13.89 7.95
CA GLU B 162 20.41 14.70 8.79
C GLU B 162 19.09 15.09 8.12
N ASN B 163 19.16 15.51 6.85
CA ASN B 163 18.04 16.15 6.18
C ASN B 163 17.08 15.17 5.50
N THR B 164 17.43 13.88 5.48
CA THR B 164 16.62 12.86 4.82
C THR B 164 16.04 11.86 5.82
N LYS B 165 14.80 11.47 5.57
CA LYS B 165 14.23 10.33 6.26
C LYS B 165 13.89 9.27 5.20
N ASN B 166 12.68 8.75 5.28
CA ASN B 166 12.31 7.55 4.57
C ASN B 166 12.52 7.66 3.05
N TYR B 167 11.64 8.44 2.40
CA TYR B 167 11.61 8.57 0.95
C TYR B 167 12.55 9.62 0.35
N GLY B 168 13.39 10.24 1.18
CA GLY B 168 14.20 11.38 0.77
C GLY B 168 14.02 12.58 1.69
N MSE B 169 14.06 13.77 1.10
CA MSE B 169 14.17 15.05 1.83
C MSE B 169 13.01 15.38 2.76
O MSE B 169 11.85 15.25 2.36
CB MSE B 169 14.29 16.20 0.84
CG MSE B 169 15.54 16.20 0.02
SE MSE B 169 17.11 16.59 1.10
CE MSE B 169 16.85 18.53 1.41
N LYS B 170 13.35 15.81 3.97
CA LYS B 170 12.38 16.41 4.89
C LYS B 170 11.89 17.73 4.31
N ASP B 171 10.63 18.08 4.56
CA ASP B 171 10.01 19.28 3.97
C ASP B 171 10.67 20.64 4.32
N LYS B 172 11.17 20.82 5.55
CA LYS B 172 11.76 22.13 5.95
C LYS B 172 12.99 22.57 5.11
N PRO B 173 14.06 21.73 5.06
CA PRO B 173 15.21 22.06 4.20
C PRO B 173 14.86 21.98 2.72
N PHE B 174 13.93 21.11 2.36
CA PHE B 174 13.45 21.02 1.00
C PHE B 174 12.87 22.34 0.50
N PHE B 175 12.00 22.95 1.31
CA PHE B 175 11.48 24.28 0.97
C PHE B 175 12.56 25.37 0.98
N LYS B 176 13.41 25.40 2.02
CA LYS B 176 14.47 26.40 2.14
C LYS B 176 15.39 26.34 0.92
N GLU B 177 15.79 25.13 0.54
CA GLU B 177 16.71 24.93 -0.56
C GLU B 177 16.08 25.15 -1.94
N SER B 178 14.76 25.04 -2.03
CA SER B 178 14.04 25.26 -3.28
C SER B 178 14.00 26.75 -3.68
N MSE B 179 14.08 27.62 -2.68
CA MSE B 179 13.94 29.07 -2.90
C MSE B 179 14.82 29.66 -4.01
O MSE B 179 14.29 30.28 -4.93
CB MSE B 179 14.09 29.88 -1.59
CG MSE B 179 13.08 29.55 -0.49
SE MSE B 179 11.21 29.18 -1.06
CE MSE B 179 10.76 30.96 -1.77
N PRO B 180 16.17 29.46 -3.96
CA PRO B 180 16.95 30.06 -5.04
C PRO B 180 16.63 29.47 -6.42
N LEU B 181 16.33 28.18 -6.46
CA LEU B 181 15.91 27.56 -7.70
C LEU B 181 14.60 28.17 -8.19
N LEU B 182 13.67 28.42 -7.27
CA LEU B 182 12.41 29.07 -7.61
C LEU B 182 12.58 30.53 -8.06
N GLU B 183 13.35 31.31 -7.31
CA GLU B 183 13.61 32.70 -7.65
C GLU B 183 14.28 32.86 -9.02
N SER B 184 14.98 31.82 -9.46
CA SER B 184 15.75 31.87 -10.71
C SER B 184 14.95 31.40 -11.94
N LEU B 185 13.66 31.18 -11.76
CA LEU B 185 12.78 30.85 -12.86
C LEU B 185 12.23 32.09 -13.55
N PRO B 186 12.28 32.13 -14.90
CA PRO B 186 11.70 33.20 -15.72
C PRO B 186 10.17 33.31 -15.64
N GLN B 187 9.69 34.38 -15.00
CA GLN B 187 8.25 34.62 -14.78
C GLN B 187 7.54 35.04 -16.07
N PRO B 188 6.28 34.58 -16.29
CA PRO B 188 5.42 33.81 -15.39
C PRO B 188 5.74 32.30 -15.38
N PHE B 189 5.61 31.66 -14.22
CA PHE B 189 5.87 30.24 -14.16
C PHE B 189 4.71 29.48 -13.59
N TYR B 190 4.81 28.15 -13.70
CA TYR B 190 3.84 27.18 -13.18
C TYR B 190 4.66 26.06 -12.56
N THR B 191 4.57 25.97 -11.23
CA THR B 191 5.44 25.07 -10.46
C THR B 191 4.60 24.14 -9.57
N LYS B 192 5.18 23.00 -9.24
CA LYS B 192 4.59 22.09 -8.27
C LYS B 192 5.64 21.60 -7.28
N PHE B 193 5.26 21.60 -6.00
CA PHE B 193 6.19 21.25 -4.94
C PHE B 193 5.53 20.07 -4.28
N ILE B 194 6.11 18.88 -4.47
CA ILE B 194 5.56 17.64 -3.96
C ILE B 194 6.23 17.27 -2.63
N THR B 195 5.51 17.45 -1.53
CA THR B 195 6.03 17.22 -0.18
C THR B 195 6.16 15.72 0.11
N LEU B 196 7.04 15.37 1.05
CA LEU B 196 7.43 14.01 1.36
C LEU B 196 7.23 13.57 2.82
N SER B 197 7.36 14.51 3.74
CA SER B 197 7.52 14.18 5.17
C SER B 197 6.33 13.51 5.86
N ASN B 198 5.11 13.86 5.48
CA ASN B 198 3.93 13.25 6.07
C ASN B 198 3.50 11.92 5.41
N HIS B 199 4.45 10.99 5.28
CA HIS B 199 4.20 9.68 4.69
C HIS B 199 4.02 8.61 5.76
N PHE B 200 3.06 7.72 5.56
CA PHE B 200 2.91 6.50 6.39
C PHE B 200 4.28 5.81 6.67
N PRO B 201 4.51 5.31 7.92
CA PRO B 201 3.67 5.33 9.12
C PRO B 201 3.86 6.59 9.95
N PHE B 202 4.41 7.64 9.34
CA PHE B 202 4.43 8.98 9.93
C PHE B 202 5.52 9.13 11.02
N GLY B 203 6.51 9.99 10.73
CA GLY B 203 7.58 10.37 11.68
C GLY B 203 6.97 11.25 12.75
N MSE B 204 7.74 12.16 13.37
CA MSE B 204 9.10 12.53 12.95
C MSE B 204 10.18 11.93 13.84
O MSE B 204 9.98 10.88 14.45
CB MSE B 204 9.27 14.07 12.96
CG MSE B 204 8.41 14.85 11.97
SE MSE B 204 8.61 14.32 10.07
CE MSE B 204 10.54 14.65 9.88
N ASP B 205 11.32 12.61 13.87
CA ASP B 205 12.42 12.33 14.80
C ASP B 205 12.47 13.46 15.81
N GLU B 206 13.24 13.25 16.88
CA GLU B 206 13.46 14.28 17.90
C GLU B 206 14.26 15.45 17.34
N GLY B 207 13.94 16.66 17.81
CA GLY B 207 14.57 17.87 17.30
C GLY B 207 13.87 18.44 16.07
N ASP B 208 13.21 17.58 15.30
CA ASP B 208 12.40 17.98 14.16
C ASP B 208 11.18 18.73 14.64
N THR B 209 10.43 18.07 15.51
CA THR B 209 9.19 18.59 16.07
C THR B 209 9.14 18.32 17.57
N ASP B 210 8.35 19.12 18.27
CA ASP B 210 8.12 18.92 19.69
C ASP B 210 6.65 18.73 20.04
N PHE B 211 5.79 18.89 19.03
CA PHE B 211 4.37 18.67 19.18
C PHE B 211 4.08 17.28 19.76
N PRO B 212 3.08 17.19 20.67
CA PRO B 212 2.73 15.91 21.30
C PRO B 212 2.19 14.89 20.32
N ALA B 213 2.32 13.62 20.67
CA ALA B 213 1.71 12.56 19.93
C ALA B 213 0.30 12.37 20.48
N GLY B 214 -0.61 11.88 19.64
CA GLY B 214 -1.97 11.55 20.08
C GLY B 214 -1.90 10.34 21.00
N ASP B 215 -2.99 10.08 21.71
CA ASP B 215 -3.03 8.91 22.55
C ASP B 215 -4.29 8.15 22.19
N PHE B 216 -4.21 7.44 21.07
CA PHE B 216 -5.40 6.80 20.53
C PHE B 216 -5.35 5.28 20.44
N GLY B 217 -4.25 4.67 20.91
CA GLY B 217 -4.09 3.20 20.95
C GLY B 217 -3.59 2.59 19.66
N ASP B 218 -3.05 3.43 18.79
CA ASP B 218 -2.55 3.03 17.47
C ASP B 218 -1.43 3.99 17.17
N SER B 219 -0.20 3.49 17.10
CA SER B 219 0.97 4.36 16.90
C SER B 219 0.97 5.10 15.55
N VAL B 220 0.30 4.54 14.53
CA VAL B 220 0.20 5.21 13.23
C VAL B 220 -0.69 6.45 13.32
N VAL B 221 -1.85 6.29 13.95
CA VAL B 221 -2.75 7.40 14.20
C VAL B 221 -2.07 8.42 15.15
N ASP B 222 -1.52 7.92 16.26
CA ASP B 222 -0.76 8.72 17.21
C ASP B 222 0.25 9.63 16.54
N ASN B 223 0.99 9.09 15.59
CA ASN B 223 2.12 9.77 14.99
C ASN B 223 1.76 10.71 13.85
N TYR B 224 0.66 10.38 13.15
CA TYR B 224 0.09 11.25 12.12
C TYR B 224 0.02 12.70 12.57
N PHE B 225 -0.25 12.92 13.86
CA PHE B 225 -0.42 14.27 14.42
C PHE B 225 0.89 15.06 14.49
N GLN B 226 1.99 14.40 14.89
CA GLN B 226 3.33 14.99 14.86
C GLN B 226 3.87 15.37 13.48
N SER B 227 3.61 14.56 12.45
CA SER B 227 4.09 14.92 11.11
C SER B 227 3.17 15.87 10.34
N ALA B 228 1.88 15.85 10.66
CA ALA B 228 0.99 16.87 10.09
C ALA B 228 1.37 18.25 10.68
N HIS B 229 1.68 18.28 11.99
CA HIS B 229 2.20 19.51 12.61
C HIS B 229 3.56 19.88 12.06
N TYR B 230 4.38 18.90 11.73
CA TYR B 230 5.63 19.24 11.10
C TYR B 230 5.37 19.80 9.70
N LEU B 231 4.47 19.19 8.92
CA LEU B 231 4.14 19.70 7.58
C LEU B 231 3.59 21.14 7.62
N ASP B 232 2.77 21.44 8.62
CA ASP B 232 2.15 22.76 8.73
C ASP B 232 3.16 23.88 8.93
N GLN B 233 4.19 23.61 9.74
CA GLN B 233 5.28 24.56 9.97
C GLN B 233 6.07 24.81 8.69
N SER B 234 6.25 23.76 7.90
CA SER B 234 6.98 23.84 6.65
C SER B 234 6.32 24.77 5.64
N ILE B 235 4.99 24.73 5.54
CA ILE B 235 4.22 25.67 4.70
C ILE B 235 4.33 27.12 5.21
N GLU B 236 4.22 27.31 6.53
CA GLU B 236 4.43 28.60 7.17
C GLU B 236 5.76 29.16 6.72
N GLN B 237 6.79 28.31 6.78
CA GLN B 237 8.12 28.71 6.33
C GLN B 237 8.10 29.13 4.86
N PHE B 238 7.55 28.26 4.02
CA PHE B 238 7.42 28.50 2.59
C PHE B 238 6.79 29.86 2.31
N PHE B 239 5.67 30.16 2.98
CA PHE B 239 4.94 31.40 2.76
C PHE B 239 5.77 32.61 3.19
N ASN B 240 6.28 32.58 4.41
CA ASN B 240 7.21 33.59 4.88
C ASN B 240 8.30 33.87 3.85
N ASP B 241 8.73 32.84 3.12
CA ASP B 241 9.73 33.03 2.09
C ASP B 241 9.17 33.58 0.79
N LEU B 242 8.01 33.09 0.35
CA LEU B 242 7.38 33.63 -0.85
C LEU B 242 7.06 35.13 -0.69
N LYS B 243 6.62 35.50 0.51
CA LYS B 243 6.32 36.88 0.86
C LYS B 243 7.57 37.76 0.86
N LYS B 244 8.70 37.18 1.25
CA LYS B 244 9.97 37.89 1.37
C LYS B 244 10.83 37.97 0.08
N ASP B 245 10.44 37.29 -1.00
CA ASP B 245 11.02 37.61 -2.33
C ASP B 245 9.98 38.12 -3.32
N GLY B 246 8.92 38.72 -2.75
CA GLY B 246 7.87 39.38 -3.51
C GLY B 246 6.95 38.42 -4.23
N LEU B 247 7.36 37.15 -4.28
CA LEU B 247 6.69 36.15 -5.11
C LEU B 247 5.26 35.85 -4.66
N TYR B 248 4.98 35.99 -3.37
CA TYR B 248 3.65 35.68 -2.83
C TYR B 248 2.51 36.52 -3.45
N ASP B 249 2.69 37.84 -3.49
CA ASP B 249 1.71 38.79 -4.04
C ASP B 249 1.56 38.72 -5.58
N LYS B 250 2.41 37.96 -6.25
CA LYS B 250 2.39 37.89 -7.70
C LYS B 250 1.90 36.53 -8.21
N SER B 251 1.58 35.61 -7.30
CA SER B 251 1.23 34.21 -7.65
C SER B 251 -0.13 33.74 -7.14
N ILE B 252 -0.63 32.67 -7.76
CA ILE B 252 -1.72 31.88 -7.22
C ILE B 252 -1.08 30.64 -6.58
N ILE B 253 -1.11 30.54 -5.25
CA ILE B 253 -0.74 29.31 -4.50
C ILE B 253 -1.92 28.37 -4.32
N VAL B 254 -1.83 27.16 -4.87
CA VAL B 254 -2.87 26.15 -4.74
C VAL B 254 -2.34 24.94 -3.94
N MSE B 255 -2.96 24.64 -2.81
CA MSE B 255 -2.50 23.51 -2.00
C MSE B 255 -3.56 22.47 -1.81
O MSE B 255 -4.71 22.80 -1.56
CB MSE B 255 -1.97 24.01 -0.67
CG MSE B 255 -0.87 25.01 -0.87
SE MSE B 255 -0.03 25.47 0.77
CE MSE B 255 -1.57 26.20 1.70
N TYR B 256 -3.17 21.19 -1.94
CA TYR B 256 -4.10 20.08 -1.81
C TYR B 256 -3.47 18.90 -1.10
N GLY B 257 -4.27 18.25 -0.26
CA GLY B 257 -3.94 16.93 0.24
C GLY B 257 -4.04 15.94 -0.92
N ASP B 258 -3.10 15.01 -1.06
CA ASP B 258 -3.18 14.13 -2.24
C ASP B 258 -4.20 13.00 -2.18
N HIS B 259 -4.39 12.43 -1.00
CA HIS B 259 -5.24 11.24 -0.79
C HIS B 259 -5.23 11.02 0.74
N TYR B 260 -5.96 10.02 1.21
CA TYR B 260 -6.02 9.73 2.64
C TYR B 260 -4.65 9.28 3.16
N GLY B 261 -4.39 9.56 4.43
CA GLY B 261 -3.19 9.03 5.08
C GLY B 261 -3.53 7.84 5.94
N ILE B 262 -4.71 7.91 6.56
CA ILE B 262 -5.20 6.88 7.46
C ILE B 262 -6.23 5.97 6.77
N SER B 263 -5.88 4.69 6.59
CA SER B 263 -6.78 3.74 5.97
C SER B 263 -7.73 3.11 6.97
N GLU B 264 -8.62 2.26 6.44
CA GLU B 264 -9.59 1.51 7.25
C GLU B 264 -8.97 0.49 8.22
N ASN B 265 -7.67 0.23 8.06
CA ASN B 265 -6.94 -0.61 9.00
C ASN B 265 -6.88 0.03 10.41
N HIS B 266 -7.17 1.33 10.47
CA HIS B 266 -7.08 2.10 11.74
C HIS B 266 -8.42 2.63 12.22
N ASN B 267 -9.51 1.96 11.84
CA ASN B 267 -10.83 2.41 12.26
C ASN B 267 -10.98 2.49 13.77
N LYS B 268 -10.39 1.53 14.49
CA LYS B 268 -10.54 1.54 15.96
C LYS B 268 -10.05 2.86 16.58
N ALA B 269 -8.82 3.25 16.29
CA ALA B 269 -8.28 4.48 16.80
C ALA B 269 -8.92 5.71 16.16
N MSE B 270 -9.36 5.59 14.91
CA MSE B 270 -10.06 6.68 14.27
C MSE B 270 -11.43 6.93 14.91
O MSE B 270 -11.88 8.06 15.02
CB MSE B 270 -10.24 6.46 12.76
CG MSE B 270 -9.05 6.88 11.95
SE MSE B 270 -8.45 8.73 12.19
CE MSE B 270 -9.77 9.55 11.01
N ALA B 271 -12.09 5.87 15.36
CA ALA B 271 -13.35 6.03 16.04
C ALA B 271 -13.18 6.86 17.32
N LYS B 272 -11.96 6.97 17.83
CA LYS B 272 -11.65 7.75 19.04
C LYS B 272 -11.14 9.14 18.69
N VAL B 273 -10.46 9.26 17.56
CA VAL B 273 -10.05 10.55 17.06
C VAL B 273 -11.29 11.42 16.83
N LEU B 274 -12.29 10.86 16.16
CA LEU B 274 -13.61 11.46 16.06
C LEU B 274 -14.33 10.79 17.21
N GLY B 275 -15.20 11.50 17.90
CA GLY B 275 -15.72 10.91 19.13
C GLY B 275 -16.92 10.00 18.91
N LYS B 276 -16.70 8.97 18.09
CA LYS B 276 -17.75 8.02 17.71
C LYS B 276 -17.47 6.63 18.30
N ASP B 277 -18.46 5.76 18.22
CA ASP B 277 -18.34 4.36 18.64
C ASP B 277 -17.51 3.54 17.65
N GLU B 278 -17.74 3.81 16.37
CA GLU B 278 -17.15 3.04 15.30
C GLU B 278 -17.15 3.89 14.06
N ILE B 279 -16.18 3.62 13.20
CA ILE B 279 -16.18 4.19 11.88
C ILE B 279 -16.91 3.20 11.02
N THR B 280 -18.07 3.58 10.48
CA THR B 280 -18.76 2.77 9.49
C THR B 280 -18.25 3.11 8.08
N ASP B 281 -18.68 2.36 7.09
CA ASP B 281 -18.41 2.67 5.68
C ASP B 281 -18.73 4.13 5.32
N TYR B 282 -19.90 4.60 5.72
CA TYR B 282 -20.32 5.97 5.47
C TYR B 282 -19.32 6.97 6.07
N ASP B 283 -18.89 6.74 7.32
CA ASP B 283 -17.98 7.67 8.02
C ASP B 283 -16.65 7.73 7.32
N ASN B 284 -16.18 6.57 6.90
CA ASN B 284 -14.94 6.50 6.17
C ASN B 284 -15.01 7.19 4.79
N ALA B 285 -16.16 7.09 4.11
CA ALA B 285 -16.38 7.86 2.89
C ALA B 285 -16.29 9.36 3.18
N GLN B 286 -16.92 9.83 4.26
CA GLN B 286 -16.78 11.23 4.69
C GLN B 286 -15.34 11.62 5.01
N LEU B 287 -14.52 10.67 5.49
CA LEU B 287 -13.12 10.94 5.78
C LEU B 287 -12.24 11.03 4.53
N GLN B 288 -12.85 10.93 3.35
CA GLN B 288 -12.10 11.13 2.10
C GLN B 288 -11.93 12.58 1.72
N ARG B 289 -12.46 13.50 2.53
CA ARG B 289 -12.25 14.92 2.33
C ARG B 289 -10.78 15.27 2.56
N VAL B 290 -10.18 15.98 1.61
CA VAL B 290 -8.81 16.51 1.73
C VAL B 290 -8.85 18.04 1.54
N PRO B 291 -8.01 18.81 2.26
CA PRO B 291 -8.14 20.26 2.15
C PRO B 291 -7.73 20.78 0.77
N LEU B 292 -8.40 21.83 0.30
CA LEU B 292 -7.99 22.57 -0.89
C LEU B 292 -7.98 24.05 -0.57
N PHE B 293 -6.80 24.68 -0.62
CA PHE B 293 -6.65 26.10 -0.41
C PHE B 293 -6.20 26.75 -1.71
N ILE B 294 -6.82 27.88 -2.07
CA ILE B 294 -6.32 28.70 -3.19
C ILE B 294 -6.16 30.15 -2.75
N HIS B 295 -4.91 30.59 -2.61
CA HIS B 295 -4.64 32.01 -2.40
C HIS B 295 -4.31 32.65 -3.73
N ALA B 296 -5.27 33.39 -4.27
CA ALA B 296 -5.14 34.03 -5.56
C ALA B 296 -4.98 35.51 -5.34
N ALA B 297 -3.72 35.96 -5.29
CA ALA B 297 -3.40 37.37 -5.17
C ALA B 297 -4.30 38.26 -6.03
N GLY B 298 -4.78 39.36 -5.43
CA GLY B 298 -5.64 40.34 -6.09
C GLY B 298 -7.11 39.94 -6.09
N VAL B 299 -7.39 38.79 -5.49
CA VAL B 299 -8.72 38.19 -5.56
C VAL B 299 -9.26 37.87 -4.17
N LYS B 300 -10.44 38.40 -3.85
CA LYS B 300 -11.10 38.00 -2.62
C LYS B 300 -11.63 36.59 -2.80
N GLY B 301 -11.23 35.72 -1.89
CA GLY B 301 -11.65 34.32 -1.90
C GLY B 301 -12.80 34.10 -0.94
N GLU B 302 -13.41 32.92 -1.05
CA GLU B 302 -14.58 32.56 -0.25
C GLU B 302 -14.43 31.14 0.29
N LYS B 303 -14.96 30.90 1.48
CA LYS B 303 -15.03 29.55 2.03
C LYS B 303 -16.18 28.86 1.32
N VAL B 304 -15.87 28.10 0.28
CA VAL B 304 -16.91 27.47 -0.52
C VAL B 304 -17.19 26.05 -0.07
N HIS B 305 -18.47 25.74 0.05
CA HIS B 305 -18.94 24.46 0.55
C HIS B 305 -19.47 23.53 -0.54
N LYS B 306 -19.47 23.99 -1.79
CA LYS B 306 -19.85 23.14 -2.91
C LYS B 306 -18.95 21.90 -2.93
N TYR B 307 -19.54 20.74 -3.16
CA TYR B 307 -18.79 19.49 -3.31
C TYR B 307 -17.95 19.56 -4.56
N ALA B 308 -16.76 18.94 -4.51
CA ALA B 308 -15.72 19.02 -5.53
C ALA B 308 -14.68 17.88 -5.42
N GLY B 309 -14.05 17.55 -6.56
CA GLY B 309 -13.04 16.49 -6.62
C GLY B 309 -11.77 16.98 -7.30
N ASP B 310 -10.70 16.16 -7.27
CA ASP B 310 -9.41 16.49 -7.82
C ASP B 310 -9.47 17.02 -9.24
N VAL B 311 -10.36 16.46 -10.06
CA VAL B 311 -10.42 16.81 -11.52
C VAL B 311 -10.97 18.21 -11.75
N ASP B 312 -11.48 18.82 -10.68
CA ASP B 312 -12.07 20.15 -10.76
C ASP B 312 -11.07 21.29 -10.64
N VAL B 313 -9.93 21.04 -9.99
CA VAL B 313 -8.92 22.09 -9.73
C VAL B 313 -8.42 22.73 -11.01
N ALA B 314 -8.08 21.90 -11.99
CA ALA B 314 -7.51 22.38 -13.26
C ALA B 314 -8.37 23.44 -13.93
N PRO B 315 -9.66 23.13 -14.24
CA PRO B 315 -10.56 24.17 -14.76
C PRO B 315 -10.72 25.38 -13.86
N THR B 316 -10.66 25.18 -12.54
CA THR B 316 -10.75 26.30 -11.61
C THR B 316 -9.56 27.24 -11.78
N ILE B 317 -8.34 26.67 -11.88
CA ILE B 317 -7.16 27.53 -11.90
C ILE B 317 -7.11 28.26 -13.23
N LEU B 318 -7.38 27.52 -14.28
CA LEU B 318 -7.39 28.05 -15.63
C LEU B 318 -8.37 29.20 -15.77
N HIS B 319 -9.55 29.10 -15.18
CA HIS B 319 -10.50 30.20 -15.23
C HIS B 319 -10.01 31.40 -14.43
N LEU B 320 -9.37 31.20 -13.28
CA LEU B 320 -8.77 32.30 -12.49
C LEU B 320 -7.71 33.07 -13.28
N LEU B 321 -6.89 32.31 -14.03
CA LEU B 321 -6.02 32.89 -15.06
C LEU B 321 -6.90 33.31 -16.23
N GLY B 322 -6.32 33.77 -17.33
CA GLY B 322 -7.16 34.19 -18.44
C GLY B 322 -8.00 33.13 -19.17
N VAL B 323 -7.64 31.86 -19.03
CA VAL B 323 -7.97 30.90 -20.09
C VAL B 323 -9.27 30.09 -19.99
N ASP B 324 -10.08 30.22 -21.04
CA ASP B 324 -11.34 29.53 -21.20
C ASP B 324 -11.09 28.05 -21.56
N THR B 325 -11.72 27.14 -20.82
CA THR B 325 -11.47 25.70 -21.03
C THR B 325 -12.44 24.98 -21.97
N LYS B 326 -13.27 25.73 -22.68
CA LYS B 326 -14.27 25.15 -23.60
C LYS B 326 -13.73 24.22 -24.69
N ASP B 327 -12.52 24.48 -25.20
CA ASP B 327 -12.00 23.61 -26.26
C ASP B 327 -11.07 22.45 -25.83
N TYR B 328 -10.81 22.28 -24.54
CA TYR B 328 -10.04 21.11 -24.10
C TYR B 328 -10.96 19.97 -23.73
N LEU B 329 -10.39 18.76 -23.69
CA LEU B 329 -11.17 17.60 -23.30
C LEU B 329 -10.81 17.31 -21.88
N MSE B 330 -11.63 17.86 -20.99
CA MSE B 330 -11.43 17.81 -19.55
C MSE B 330 -12.69 17.34 -18.86
O MSE B 330 -13.80 17.74 -19.24
CB MSE B 330 -11.02 19.19 -19.04
CG MSE B 330 -9.64 19.58 -19.44
SE MSE B 330 -9.14 21.31 -18.68
CE MSE B 330 -7.19 21.11 -18.84
N SER B 331 -12.51 16.48 -17.85
CA SER B 331 -13.64 15.88 -17.12
C SER B 331 -14.22 16.80 -16.05
N GLY B 332 -13.37 17.64 -15.47
CA GLY B 332 -13.75 18.40 -14.29
C GLY B 332 -14.51 19.66 -14.62
N SER B 333 -15.13 20.25 -13.60
CA SER B 333 -15.81 21.52 -13.74
C SER B 333 -15.30 22.54 -12.74
N ASP B 334 -14.95 23.73 -13.26
CA ASP B 334 -14.63 24.92 -12.47
C ASP B 334 -15.51 25.02 -11.22
N ILE B 335 -14.91 24.92 -10.03
CA ILE B 335 -15.68 24.97 -8.78
C ILE B 335 -16.39 26.30 -8.51
N LEU B 336 -15.87 27.40 -9.05
CA LEU B 336 -16.48 28.73 -8.85
C LEU B 336 -17.53 29.10 -9.92
N SER B 337 -17.88 28.14 -10.76
CA SER B 337 -18.95 28.30 -11.73
C SER B 337 -20.25 28.02 -11.00
N LYS B 338 -21.29 28.80 -11.34
CA LYS B 338 -22.60 28.67 -10.69
C LYS B 338 -23.27 27.32 -10.97
N GLU B 339 -22.96 26.74 -12.12
CA GLU B 339 -23.44 25.40 -12.50
C GLU B 339 -22.47 24.27 -12.22
N HIS B 340 -21.47 24.52 -11.38
CA HIS B 340 -20.56 23.46 -10.93
C HIS B 340 -21.33 22.22 -10.50
N ARG B 341 -21.04 21.10 -11.14
CA ARG B 341 -21.68 19.85 -10.77
C ARG B 341 -21.13 19.34 -9.40
N GLU B 342 -22.04 18.88 -8.54
CA GLU B 342 -21.66 18.50 -7.17
C GLU B 342 -21.75 17.00 -6.90
N VAL B 343 -21.86 16.22 -7.98
CA VAL B 343 -21.88 14.77 -7.91
C VAL B 343 -20.50 14.23 -8.22
N ILE B 344 -19.77 13.87 -7.17
CA ILE B 344 -18.33 13.61 -7.27
C ILE B 344 -17.98 12.12 -7.36
N PRO B 345 -17.46 11.69 -8.52
CA PRO B 345 -17.12 10.26 -8.63
C PRO B 345 -15.89 9.93 -7.79
N PHE B 346 -15.89 8.76 -7.13
CA PHE B 346 -14.64 8.09 -6.69
C PHE B 346 -14.18 7.18 -7.81
N ARG B 347 -12.89 6.84 -7.83
CA ARG B 347 -12.35 6.00 -8.92
C ARG B 347 -13.04 4.62 -9.02
N ASN B 348 -13.49 4.08 -7.90
CA ASN B 348 -14.02 2.70 -7.95
C ASN B 348 -15.51 2.66 -8.32
N GLY B 349 -16.08 3.79 -8.73
CA GLY B 349 -17.52 3.83 -9.09
C GLY B 349 -18.39 4.30 -7.93
N ASP B 350 -17.83 4.38 -6.73
CA ASP B 350 -18.56 4.98 -5.63
C ASP B 350 -18.65 6.50 -5.94
N PHE B 351 -19.55 7.22 -5.29
CA PHE B 351 -19.58 8.65 -5.43
C PHE B 351 -20.11 9.33 -4.21
N ILE B 352 -19.95 10.64 -4.16
CA ILE B 352 -20.56 11.42 -3.10
C ILE B 352 -21.15 12.69 -3.68
N SER B 353 -22.32 13.08 -3.18
CA SER B 353 -23.00 14.33 -3.57
C SER B 353 -23.68 14.96 -2.32
N PRO B 354 -24.22 16.21 -2.46
CA PRO B 354 -24.99 16.77 -1.34
C PRO B 354 -26.17 15.91 -0.87
N LYS B 355 -26.78 15.15 -1.79
CA LYS B 355 -27.90 14.25 -1.46
C LYS B 355 -27.44 12.81 -1.12
N TYR B 356 -26.48 12.27 -1.86
CA TYR B 356 -26.13 10.84 -1.67
C TYR B 356 -24.67 10.53 -1.43
N THR B 357 -24.39 9.60 -0.52
CA THR B 357 -23.11 8.90 -0.58
C THR B 357 -23.35 7.42 -0.88
N LYS B 358 -22.65 6.90 -1.88
CA LYS B 358 -22.83 5.54 -2.36
C LYS B 358 -21.51 4.78 -2.26
N ILE B 359 -21.52 3.72 -1.45
CA ILE B 359 -20.36 2.92 -1.10
C ILE B 359 -20.69 1.46 -1.33
N SER B 360 -19.96 0.83 -2.26
CA SER B 360 -20.10 -0.60 -2.53
C SER B 360 -21.56 -1.00 -2.75
N GLY B 361 -22.27 -0.26 -3.60
CA GLY B 361 -23.65 -0.61 -3.93
C GLY B 361 -24.72 -0.10 -2.98
N LYS B 362 -24.34 0.28 -1.76
CA LYS B 362 -25.29 0.83 -0.77
C LYS B 362 -25.35 2.35 -0.85
N TYR B 363 -26.57 2.88 -0.78
CA TYR B 363 -26.85 4.32 -0.73
C TYR B 363 -27.05 4.79 0.71
N TYR B 364 -26.42 5.90 1.09
CA TYR B 364 -26.70 6.56 2.37
C TYR B 364 -27.06 8.01 2.09
N ASP B 365 -27.82 8.62 3.00
CA ASP B 365 -28.07 10.06 2.96
C ASP B 365 -26.83 10.81 3.42
N THR B 366 -26.27 11.62 2.52
CA THR B 366 -25.04 12.35 2.79
C THR B 366 -25.08 13.14 4.10
N LYS B 367 -26.16 13.87 4.36
CA LYS B 367 -26.22 14.70 5.55
C LYS B 367 -26.30 13.89 6.84
N THR B 368 -27.20 12.90 6.89
CA THR B 368 -27.53 12.14 8.11
C THR B 368 -26.80 10.80 8.29
N GLY B 369 -26.41 10.17 7.19
CA GLY B 369 -25.76 8.86 7.21
C GLY B 369 -26.69 7.66 7.39
N LYS B 370 -28.00 7.90 7.30
CA LYS B 370 -28.99 6.84 7.40
C LYS B 370 -29.06 6.05 6.11
N GLU B 371 -28.98 4.72 6.21
CA GLU B 371 -29.07 3.87 5.02
C GLU B 371 -30.40 4.06 4.31
N LEU B 372 -30.36 4.02 2.99
CA LEU B 372 -31.55 4.15 2.16
C LEU B 372 -31.77 2.82 1.46
N ASP B 373 -33.02 2.51 1.14
CA ASP B 373 -33.31 1.38 0.27
C ASP B 373 -33.15 1.85 -1.17
N GLU B 374 -32.35 1.11 -1.94
CA GLU B 374 -32.01 1.49 -3.32
C GLU B 374 -33.24 1.61 -4.21
N SER B 375 -34.33 0.95 -3.80
CA SER B 375 -35.60 1.06 -4.48
C SER B 375 -36.23 2.45 -4.34
N GLU B 376 -35.75 3.24 -3.37
CA GLU B 376 -36.20 4.63 -3.15
C GLU B 376 -35.40 5.65 -3.94
N VAL B 377 -34.15 5.28 -4.23
CA VAL B 377 -33.13 6.22 -4.66
C VAL B 377 -33.28 6.67 -6.12
N ASP B 378 -33.11 7.98 -6.34
CA ASP B 378 -33.09 8.56 -7.68
C ASP B 378 -31.76 8.27 -8.38
N LYS B 379 -31.85 7.52 -9.48
CA LYS B 379 -30.66 6.95 -10.11
C LYS B 379 -29.92 7.87 -11.09
N SER B 380 -30.45 9.09 -11.26
CA SER B 380 -29.86 10.13 -12.12
C SER B 380 -28.41 10.40 -11.80
N GLU B 381 -28.10 10.56 -10.52
CA GLU B 381 -26.76 10.96 -10.12
C GLU B 381 -25.78 9.87 -10.47
N ASP B 382 -26.20 8.63 -10.24
CA ASP B 382 -25.38 7.48 -10.56
C ASP B 382 -25.12 7.41 -12.06
N SER B 383 -26.11 7.74 -12.87
CA SER B 383 -25.91 7.84 -14.32
C SER B 383 -24.89 8.92 -14.69
N LEU B 384 -24.91 10.03 -13.98
CA LEU B 384 -23.99 11.10 -14.28
C LEU B 384 -22.59 10.63 -13.96
N VAL B 385 -22.43 9.88 -12.87
CA VAL B 385 -21.12 9.41 -12.44
C VAL B 385 -20.51 8.39 -13.40
N LYS B 386 -21.32 7.46 -13.87
CA LYS B 386 -20.83 6.41 -14.76
C LYS B 386 -20.31 7.00 -16.06
N LYS B 387 -21.11 7.87 -16.67
CA LYS B 387 -20.69 8.56 -17.89
C LYS B 387 -19.43 9.45 -17.74
N GLU B 388 -19.31 10.19 -16.65
CA GLU B 388 -18.11 11.00 -16.43
C GLU B 388 -16.88 10.08 -16.39
N LEU B 389 -16.96 8.97 -15.66
CA LEU B 389 -15.87 7.98 -15.65
C LEU B 389 -15.71 7.27 -17.02
N GLU B 390 -16.81 6.96 -17.68
CA GLU B 390 -16.79 6.33 -18.99
C GLU B 390 -16.07 7.18 -20.05
N MSE B 391 -16.30 8.50 -20.02
CA MSE B 391 -15.76 9.41 -21.04
C MSE B 391 -14.28 9.72 -20.81
O MSE B 391 -13.50 9.88 -21.77
CB MSE B 391 -16.58 10.70 -21.12
CG MSE B 391 -18.04 10.53 -21.54
SE MSE B 391 -18.30 9.92 -23.40
CE MSE B 391 -18.49 8.00 -23.08
N SER B 392 -13.89 9.82 -19.54
CA SER B 392 -12.46 9.87 -19.20
C SER B 392 -11.70 8.59 -19.63
N ASP B 393 -12.17 7.42 -19.20
CA ASP B 393 -11.57 6.13 -19.62
C ASP B 393 -11.44 5.93 -21.15
N LYS B 394 -12.44 6.35 -21.91
CA LYS B 394 -12.36 6.32 -23.39
C LYS B 394 -11.13 7.07 -23.93
N ILE B 395 -10.90 8.28 -23.43
CA ILE B 395 -9.76 9.09 -23.83
C ILE B 395 -8.42 8.41 -23.45
N ILE B 396 -8.24 8.09 -22.18
CA ILE B 396 -6.99 7.49 -21.74
C ILE B 396 -6.73 6.09 -22.34
N ASN B 397 -7.79 5.28 -22.46
CA ASN B 397 -7.68 3.89 -22.94
C ASN B 397 -7.54 3.79 -24.44
N GLY B 398 -8.09 4.78 -25.14
CA GLY B 398 -8.02 4.84 -26.60
C GLY B 398 -6.94 5.80 -27.07
N ASP B 399 -6.38 6.57 -26.12
CA ASP B 399 -5.33 7.54 -26.36
C ASP B 399 -5.81 8.55 -27.42
N LEU B 400 -6.97 9.15 -27.14
CA LEU B 400 -7.73 9.89 -28.18
C LEU B 400 -7.24 11.30 -28.51
N LEU B 401 -6.38 11.85 -27.65
CA LEU B 401 -5.86 13.19 -27.84
C LEU B 401 -4.84 13.26 -28.99
N ARG B 402 -4.37 12.09 -29.44
CA ARG B 402 -3.70 11.94 -30.75
C ARG B 402 -4.57 12.49 -31.88
N PHE B 403 -5.89 12.37 -31.76
CA PHE B 403 -6.75 12.73 -32.88
C PHE B 403 -7.61 13.98 -32.62
N TYR B 404 -7.13 14.87 -31.74
CA TYR B 404 -7.85 16.08 -31.36
C TYR B 404 -6.90 17.25 -31.16
N GLU B 405 -7.23 18.39 -31.75
CA GLU B 405 -6.40 19.58 -31.66
C GLU B 405 -7.19 20.77 -31.12
N PRO B 406 -6.95 21.16 -29.85
CA PRO B 406 -7.71 22.28 -29.26
C PRO B 406 -7.26 23.64 -29.80
N LYS B 407 -8.10 24.68 -29.66
CA LYS B 407 -7.72 26.02 -30.07
C LYS B 407 -6.44 26.45 -29.39
N GLY B 408 -5.52 27.01 -30.19
CA GLY B 408 -4.27 27.61 -29.70
C GLY B 408 -3.25 26.72 -28.97
N PHE B 409 -3.47 25.41 -28.94
CA PHE B 409 -2.53 24.47 -28.34
C PHE B 409 -1.34 24.02 -29.21
N LYS B 410 -0.14 24.16 -28.65
CA LYS B 410 1.10 23.73 -29.30
C LYS B 410 1.42 22.28 -28.85
N LYS B 411 1.26 21.34 -29.79
CA LYS B 411 1.47 19.92 -29.55
C LYS B 411 2.84 19.64 -28.90
N VAL B 412 2.79 19.00 -27.74
CA VAL B 412 4.00 18.64 -26.98
C VAL B 412 4.86 17.57 -27.68
N ASN B 413 6.13 17.88 -27.89
CA ASN B 413 7.10 16.85 -28.29
C ASN B 413 7.94 16.42 -27.07
N PRO B 414 7.67 15.22 -26.56
CA PRO B 414 8.33 14.75 -25.34
C PRO B 414 9.86 14.80 -25.41
N SER B 415 10.41 14.57 -26.60
CA SER B 415 11.87 14.52 -26.76
C SER B 415 12.58 15.89 -26.63
N ASP B 416 11.80 16.97 -26.59
CA ASP B 416 12.32 18.33 -26.35
C ASP B 416 12.69 18.60 -24.90
N TYR B 417 12.40 17.64 -24.02
CA TYR B 417 12.61 17.82 -22.59
C TYR B 417 13.76 16.97 -22.05
N ASP B 418 14.68 17.63 -21.36
CA ASP B 418 15.81 16.96 -20.75
C ASP B 418 15.80 17.36 -19.28
N TYR B 419 15.79 16.37 -18.39
CA TYR B 419 15.75 16.61 -16.94
C TYR B 419 17.00 16.20 -16.19
N THR B 420 18.01 15.72 -16.90
CA THR B 420 19.29 15.36 -16.28
C THR B 420 20.21 16.58 -16.20
N LYS B 421 20.77 16.80 -15.01
CA LYS B 421 21.42 18.07 -14.69
C LYS B 421 22.90 18.21 -15.11
N HIS B 422 23.27 19.45 -15.47
CA HIS B 422 24.66 19.86 -15.75
C HIS B 422 25.75 18.82 -15.43
MG MG C . 5.53 -7.77 5.11
O1 PG4 D . 3.49 -15.21 30.33
C1 PG4 D . 3.26 -13.80 30.50
C2 PG4 D . 4.47 -13.09 31.11
O2 PG4 D . 5.30 -12.47 30.12
C3 PG4 D . 6.27 -11.55 30.66
C4 PG4 D . 7.66 -11.74 30.02
O3 PG4 D . 8.06 -13.12 30.00
C5 PG4 D . 9.44 -13.36 30.29
C6 PG4 D . 9.78 -14.77 29.83
O4 PG4 D . 9.96 -15.69 30.92
C7 PG4 D . 8.84 -16.55 31.10
C8 PG4 D . 9.16 -17.91 31.73
O5 PG4 D . 7.90 -18.54 32.03
C1 PEG E . -14.11 -13.09 4.16
O1 PEG E . -13.67 -14.33 4.73
C2 PEG E . -13.68 -12.96 2.71
O2 PEG E . -13.67 -11.62 2.20
C3 PEG E . -14.65 -10.66 2.68
C4 PEG E . -14.19 -9.23 2.33
O4 PEG E . -14.34 -8.34 3.46
MG MG F . 1.07 10.70 -1.33
#